data_8X18
#
_entry.id   8X18
#
_cell.length_a   171.878
_cell.length_b   171.878
_cell.length_c   128.691
_cell.angle_alpha   90.000
_cell.angle_beta   90.000
_cell.angle_gamma   120.000
#
_symmetry.space_group_name_H-M   'P 65'
#
loop_
_entity.id
_entity.type
_entity.pdbx_description
1 polymer 'Glucans biosynthesis protein D'
2 branched beta-D-glucopyranose-(1-2)-beta-D-glucopyranose-(1-2)-beta-D-glucopyranose-(1-2)-beta-D-glucopyranose-(1-2)-beta-D-glucopyranose-(1-2)-beta-D-glucopyranose-(1-2)-beta-D-glucopyranose-(1-2)-beta-D-glucopyranose-(1-2)-beta-D-glucopyranose-(1-2)-beta-D-glucopyranose-(1-2)-beta-D-glucopyranose-(1-2)-beta-D-glucopyranose-(1-2)-beta-D-glucopyranose-(1-2)-beta-D-glucopyranose-(1-2)-beta-D-glucopyranose-(1-2)-beta-D-glucopyranose-(1-2)-beta-D-glucopyranose-(1-2)-beta-D-glucopyranose-(1-2)-beta-D-glucopyranose-(1-2)-beta-D-glucopyranose-(1-2)-beta-D-glucopyranose-(1-2)-beta-D-glucopyranose
3 branched beta-D-glucopyranose-(1-2)-beta-D-glucopyranose-(1-2)-beta-D-glucopyranose-(1-2)-beta-D-glucopyranose-(1-2)-beta-D-glucopyranose-(1-2)-beta-D-glucopyranose-(1-2)-beta-D-glucopyranose-(1-2)-beta-D-glucopyranose-(1-2)-beta-D-glucopyranose-(1-2)-beta-D-glucopyranose-(1-2)-beta-D-glucopyranose
4 branched beta-D-glucopyranose-(1-2)-beta-D-glucopyranose-(1-2)-beta-D-glucopyranose-(1-2)-beta-D-glucopyranose-(1-2)-beta-D-glucopyranose-(1-2)-beta-D-glucopyranose-(1-2)-beta-D-glucopyranose-(1-2)-beta-D-glucopyranose-(1-2)-beta-D-glucopyranose-(1-2)-beta-D-glucopyranose
5 non-polymer GLYCEROL
6 water water
#
_entity_poly.entity_id   1
_entity_poly.type   'polypeptide(L)'
_entity_poly.pdbx_seq_one_letter_code
;MQRRHFLKNAAAALAALGLPALPPWALAAKAVGLRRLGQPQPFDYAWLKGQARALAKAPYKSHKQVLPGPLESLNWDQYQ
SIRYRQDHALWADGNGKFQAKFFHLGLYFHTPVHIYDIVDGKAQQLAYDPAAFDYGRSGLGGKQLPKDLGFAGFRLNTRK
DTDRDFSAFLGASYFRAVGKEGQYGQSARGLAIDTGTGGPEEFPDFIAYYLEQPADDSDTVVVYGLLDSPSVSGAYRFAI
TNGEVLVMDIDSALYPRKAIERLGIGPCTSMYQTGENDRRMDWDWRPEIHDTDGLAMWTGGGEWIWRPLCNPPHLRFNMF
VDENPRGFGLLQRDRNFDHYQDDGVFYEKRPCLWVEPKSGWGKGSVQLVEIPTVDETFNNIVAFWNPQAKPQPGQELLMG
YRLYWGAHPPASSPLAHCVATRTGLGGIVGQKRSHFSWRFAVDFAGGELAALAKDPKAKVEAVLQVSRGTTEIVSARPLH
ELKGYRAMFDLVPPDEGTQQIDIRLFLRANGKPLTETWLYQWTPPPASERKIYLEHHHHHH
;
_entity_poly.pdbx_strand_id   A,B
#
loop_
_chem_comp.id
_chem_comp.type
_chem_comp.name
_chem_comp.formula
BGC D-saccharide, beta linking beta-D-glucopyranose 'C6 H12 O6'
GOL non-polymer GLYCEROL 'C3 H8 O3'
#
# COMPACT_ATOMS: atom_id res chain seq x y z
N LYS A 30 -28.59 40.07 9.54
CA LYS A 30 -29.24 40.26 8.21
C LYS A 30 -28.28 40.97 7.25
N ALA A 31 -28.13 40.40 6.04
CA ALA A 31 -27.13 40.86 5.09
C ALA A 31 -27.52 42.23 4.50
N VAL A 32 -26.51 43.06 4.19
CA VAL A 32 -26.71 44.39 3.62
C VAL A 32 -26.28 44.39 2.15
N GLY A 33 -26.72 45.41 1.42
CA GLY A 33 -26.25 45.66 0.07
C GLY A 33 -24.77 46.05 0.03
N LEU A 34 -24.09 45.72 -1.06
CA LEU A 34 -22.65 45.86 -1.12
C LEU A 34 -22.32 47.23 -1.71
N ARG A 35 -21.13 47.74 -1.39
CA ARG A 35 -20.72 49.06 -1.82
C ARG A 35 -20.31 48.96 -3.28
N ARG A 36 -20.73 49.95 -4.04
CA ARG A 36 -20.52 49.86 -5.49
C ARG A 36 -19.58 50.94 -6.00
N LEU A 37 -19.17 50.84 -7.26
CA LEU A 37 -18.24 51.74 -7.90
C LEU A 37 -18.79 52.05 -9.27
N GLY A 38 -18.92 53.32 -9.64
CA GLY A 38 -19.39 53.67 -10.98
C GLY A 38 -20.87 53.32 -11.14
N GLN A 39 -21.41 53.43 -12.36
CA GLN A 39 -22.82 53.14 -12.57
C GLN A 39 -22.91 51.82 -13.32
N PRO A 40 -24.11 51.21 -13.39
CA PRO A 40 -24.30 50.04 -14.24
C PRO A 40 -24.01 50.37 -15.70
N GLN A 41 -23.42 49.41 -16.42
CA GLN A 41 -23.21 49.50 -17.85
C GLN A 41 -23.77 48.25 -18.50
N PRO A 42 -24.46 48.37 -19.67
CA PRO A 42 -24.90 47.20 -20.42
C PRO A 42 -23.81 46.15 -20.55
N PHE A 43 -24.16 44.89 -20.30
CA PHE A 43 -23.19 43.83 -20.31
C PHE A 43 -23.83 42.64 -21.02
N ASP A 44 -23.08 41.96 -21.88
CA ASP A 44 -23.39 40.60 -22.29
C ASP A 44 -22.12 39.95 -22.82
N TYR A 45 -22.20 38.67 -23.20
CA TYR A 45 -21.01 37.91 -23.60
C TYR A 45 -20.40 38.55 -24.84
N ALA A 46 -21.24 38.93 -25.80
CA ALA A 46 -20.72 39.59 -27.01
C ALA A 46 -19.92 40.84 -26.66
N TRP A 47 -20.35 41.60 -25.64
CA TRP A 47 -19.62 42.79 -25.23
C TRP A 47 -18.23 42.41 -24.69
N LEU A 48 -18.20 41.39 -23.82
CA LEU A 48 -16.98 40.92 -23.21
C LEU A 48 -16.03 40.37 -24.27
N LYS A 49 -16.55 39.69 -25.29
CA LYS A 49 -15.66 39.22 -26.34
C LYS A 49 -15.05 40.40 -27.07
N GLY A 50 -15.82 41.49 -27.23
CA GLY A 50 -15.29 42.72 -27.79
C GLY A 50 -14.17 43.35 -26.95
N GLN A 51 -14.33 43.38 -25.63
CA GLN A 51 -13.28 43.95 -24.79
C GLN A 51 -12.02 43.12 -24.95
N ALA A 52 -12.15 41.78 -24.93
CA ALA A 52 -10.98 40.90 -24.98
C ALA A 52 -10.28 41.02 -26.32
N ARG A 53 -11.03 41.08 -27.41
CA ARG A 53 -10.42 41.25 -28.75
C ARG A 53 -9.67 42.59 -28.81
N ALA A 54 -10.26 43.65 -28.28
CA ALA A 54 -9.59 44.96 -28.27
C ALA A 54 -8.31 44.89 -27.42
N LEU A 55 -8.39 44.23 -26.26
CA LEU A 55 -7.23 44.06 -25.38
C LEU A 55 -6.06 43.38 -26.11
N ALA A 56 -6.34 42.41 -26.99
CA ALA A 56 -5.27 41.71 -27.71
C ALA A 56 -4.70 42.55 -28.87
N LYS A 57 -5.28 43.71 -29.15
CA LYS A 57 -4.82 44.56 -30.24
C LYS A 57 -3.65 45.44 -29.81
N ALA A 58 -3.38 45.48 -28.50
CA ALA A 58 -2.32 46.27 -27.91
C ALA A 58 -1.31 45.31 -27.29
N PRO A 59 -0.02 45.67 -27.15
CA PRO A 59 0.94 44.82 -26.44
C PRO A 59 0.47 44.62 -25.01
N TYR A 60 0.88 43.49 -24.47
CA TYR A 60 0.52 43.12 -23.11
C TYR A 60 1.16 44.13 -22.15
N LYS A 61 0.40 44.57 -21.14
CA LYS A 61 0.98 45.30 -20.03
C LYS A 61 0.63 44.57 -18.74
N SER A 62 1.66 44.28 -17.94
CA SER A 62 1.48 43.60 -16.66
C SER A 62 0.35 44.24 -15.85
N HIS A 63 -0.41 43.39 -15.14
CA HIS A 63 -1.54 43.84 -14.29
C HIS A 63 -1.15 43.73 -12.82
N LYS A 64 0.05 43.20 -12.53
CA LYS A 64 0.59 43.13 -11.18
C LYS A 64 0.86 44.56 -10.69
N GLN A 65 0.53 44.83 -9.42
CA GLN A 65 0.75 46.11 -8.77
C GLN A 65 1.53 45.90 -7.48
N VAL A 66 2.38 46.89 -7.16
CA VAL A 66 2.76 47.18 -5.80
C VAL A 66 1.50 47.65 -5.06
N LEU A 67 1.09 46.88 -4.04
CA LEU A 67 -0.09 47.19 -3.26
C LEU A 67 0.20 48.29 -2.23
N PRO A 68 -0.83 49.02 -1.70
CA PRO A 68 -0.62 49.97 -0.60
C PRO A 68 0.16 49.40 0.58
N GLY A 69 0.90 50.27 1.27
CA GLY A 69 2.08 49.86 2.02
C GLY A 69 1.86 48.67 2.97
N PRO A 70 0.86 48.73 3.87
CA PRO A 70 0.65 47.66 4.84
C PRO A 70 0.19 46.35 4.20
N LEU A 71 -0.46 46.46 3.04
CA LEU A 71 -0.93 45.30 2.30
C LEU A 71 0.20 44.60 1.56
N GLU A 72 1.34 45.26 1.29
CA GLU A 72 2.28 44.75 0.30
C GLU A 72 3.14 43.65 0.91
N SER A 73 3.21 43.60 2.24
CA SER A 73 4.09 42.66 2.89
C SER A 73 3.46 42.07 4.17
N LEU A 74 2.24 41.54 4.02
CA LEU A 74 1.65 40.69 5.05
C LEU A 74 2.39 39.36 5.04
N ASN A 75 2.42 38.69 6.21
CA ASN A 75 2.83 37.29 6.29
C ASN A 75 1.61 36.36 6.23
N TRP A 76 1.90 35.05 6.10
CA TRP A 76 0.86 34.04 6.03
C TRP A 76 -0.16 34.26 7.16
N ASP A 77 0.32 34.41 8.37
CA ASP A 77 -0.55 34.40 9.54
C ASP A 77 -1.51 35.57 9.45
N GLN A 78 -0.98 36.73 9.08
CA GLN A 78 -1.78 37.96 8.99
C GLN A 78 -2.84 37.82 7.90
N TYR A 79 -2.41 37.24 6.77
CA TYR A 79 -3.24 37.12 5.60
C TYR A 79 -4.38 36.16 5.92
N GLN A 80 -4.02 35.02 6.51
CA GLN A 80 -4.99 33.97 6.79
C GLN A 80 -6.05 34.46 7.75
N SER A 81 -5.72 35.44 8.60
CA SER A 81 -6.67 35.87 9.62
C SER A 81 -7.74 36.77 9.05
N ILE A 82 -7.62 37.16 7.76
CA ILE A 82 -8.62 38.02 7.14
C ILE A 82 -9.81 37.17 6.70
N ARG A 83 -11.03 37.65 7.01
CA ARG A 83 -12.24 36.91 6.74
C ARG A 83 -13.29 37.83 6.12
N TYR A 84 -13.94 37.34 5.06
CA TYR A 84 -15.04 38.04 4.46
C TYR A 84 -16.31 37.72 5.26
N ARG A 85 -17.06 38.78 5.56
CA ARG A 85 -18.22 38.67 6.46
C ARG A 85 -19.48 38.21 5.75
N GLN A 86 -20.17 37.27 6.40
CA GLN A 86 -21.41 36.74 5.86
C GLN A 86 -22.40 37.88 5.57
N ASP A 87 -22.37 38.95 6.38
CA ASP A 87 -23.38 39.99 6.30
C ASP A 87 -23.12 40.93 5.11
N HIS A 88 -21.99 40.76 4.41
CA HIS A 88 -21.76 41.46 3.16
C HIS A 88 -21.60 40.50 1.98
N ALA A 89 -22.13 39.26 2.08
CA ALA A 89 -22.04 38.32 0.99
C ALA A 89 -23.00 38.77 -0.12
N LEU A 90 -22.48 38.73 -1.34
CA LEU A 90 -23.26 39.14 -2.47
C LEU A 90 -24.47 38.22 -2.62
N TRP A 91 -25.61 38.88 -2.84
CA TRP A 91 -26.93 38.31 -3.01
C TRP A 91 -27.54 37.83 -1.70
N ALA A 92 -26.89 37.97 -0.53
CA ALA A 92 -27.45 37.36 0.68
C ALA A 92 -28.61 38.19 1.23
N ASP A 93 -28.83 39.38 0.67
CA ASP A 93 -29.93 40.25 1.04
C ASP A 93 -31.14 40.02 0.13
N GLY A 94 -31.06 39.04 -0.79
CA GLY A 94 -32.09 38.75 -1.77
C GLY A 94 -32.80 37.43 -1.47
N ASN A 95 -33.51 36.88 -2.44
CA ASN A 95 -34.35 35.70 -2.19
C ASN A 95 -33.91 34.49 -3.00
N GLY A 96 -32.69 34.51 -3.55
CA GLY A 96 -32.20 33.42 -4.39
C GLY A 96 -31.55 32.30 -3.57
N LYS A 97 -31.00 31.31 -4.28
CA LYS A 97 -30.42 30.17 -3.61
C LYS A 97 -28.92 30.31 -3.34
N PHE A 98 -28.26 31.35 -3.88
CA PHE A 98 -26.80 31.37 -3.85
C PHE A 98 -26.26 32.69 -3.34
N GLN A 99 -24.95 32.71 -3.11
CA GLN A 99 -24.25 33.91 -2.71
C GLN A 99 -22.77 33.78 -3.01
N ALA A 100 -22.04 34.91 -2.93
CA ALA A 100 -20.61 34.90 -3.13
C ALA A 100 -19.94 35.74 -2.04
N LYS A 101 -18.68 35.37 -1.75
CA LYS A 101 -17.80 36.10 -0.88
C LYS A 101 -16.50 36.22 -1.63
N PHE A 102 -15.62 37.12 -1.17
CA PHE A 102 -14.45 37.52 -1.94
C PHE A 102 -13.18 37.30 -1.14
N PHE A 103 -12.11 36.91 -1.84
CA PHE A 103 -10.79 36.81 -1.27
C PHE A 103 -10.10 38.16 -1.38
N HIS A 104 -9.33 38.48 -0.33
CA HIS A 104 -8.59 39.72 -0.18
C HIS A 104 -7.27 39.62 -0.94
N LEU A 105 -6.78 40.75 -1.46
CA LEU A 105 -5.45 40.81 -2.03
C LEU A 105 -4.40 40.73 -0.92
N GLY A 106 -3.17 40.47 -1.33
CA GLY A 106 -2.05 40.33 -0.42
C GLY A 106 -1.45 38.93 -0.47
N LEU A 107 -0.33 38.78 0.26
CA LEU A 107 0.45 37.57 0.31
C LEU A 107 0.82 37.17 -1.12
N TYR A 108 0.16 36.16 -1.69
CA TYR A 108 0.53 35.69 -3.03
C TYR A 108 -0.15 36.51 -4.13
N PHE A 109 -1.16 37.30 -3.76
CA PHE A 109 -2.08 37.89 -4.69
C PHE A 109 -1.77 39.39 -4.84
N HIS A 110 -0.98 39.71 -5.87
CA HIS A 110 -0.60 41.09 -6.17
C HIS A 110 -1.15 41.56 -7.53
N THR A 111 -2.11 40.82 -8.10
CA THR A 111 -2.76 41.15 -9.36
C THR A 111 -4.23 41.41 -9.06
N PRO A 112 -4.67 42.68 -9.00
CA PRO A 112 -6.07 42.99 -8.69
C PRO A 112 -7.05 42.36 -9.67
N VAL A 113 -8.13 41.84 -9.11
CA VAL A 113 -9.24 41.32 -9.90
C VAL A 113 -10.41 42.21 -9.60
N HIS A 114 -11.03 42.74 -10.65
CA HIS A 114 -12.18 43.62 -10.49
C HIS A 114 -13.42 42.75 -10.60
N ILE A 115 -14.31 42.92 -9.63
CA ILE A 115 -15.50 42.08 -9.52
C ILE A 115 -16.73 42.96 -9.71
N TYR A 116 -17.67 42.42 -10.50
CA TYR A 116 -18.89 43.12 -10.91
C TYR A 116 -20.09 42.24 -10.63
N ASP A 117 -21.24 42.86 -10.40
CA ASP A 117 -22.52 42.20 -10.20
C ASP A 117 -23.37 42.54 -11.42
N ILE A 118 -23.98 41.54 -12.06
CA ILE A 118 -24.89 41.82 -13.17
C ILE A 118 -26.33 41.66 -12.68
N VAL A 119 -27.11 42.71 -12.91
CA VAL A 119 -28.53 42.80 -12.55
C VAL A 119 -29.26 43.40 -13.74
N ASP A 120 -30.35 42.76 -14.19
CA ASP A 120 -31.13 43.29 -15.31
C ASP A 120 -30.22 43.60 -16.51
N GLY A 121 -29.20 42.78 -16.75
CA GLY A 121 -28.41 42.94 -17.96
C GLY A 121 -27.33 44.00 -17.84
N LYS A 122 -27.08 44.52 -16.63
CA LYS A 122 -26.14 45.63 -16.49
C LYS A 122 -25.11 45.28 -15.40
N ALA A 123 -23.84 45.54 -15.69
CA ALA A 123 -22.75 45.19 -14.80
C ALA A 123 -22.36 46.40 -13.96
N GLN A 124 -22.31 46.22 -12.65
CA GLN A 124 -21.90 47.25 -11.73
C GLN A 124 -20.66 46.75 -10.96
N GLN A 125 -19.58 47.50 -10.95
CA GLN A 125 -18.42 47.10 -10.19
C GLN A 125 -18.69 47.20 -8.68
N LEU A 126 -18.12 46.24 -7.95
CA LEU A 126 -18.19 46.23 -6.50
C LEU A 126 -16.93 46.89 -5.99
N ALA A 127 -17.13 47.82 -5.05
CA ALA A 127 -16.06 48.54 -4.41
C ALA A 127 -15.37 47.61 -3.40
N TYR A 128 -14.06 47.78 -3.25
CA TYR A 128 -13.38 47.28 -2.07
C TYR A 128 -13.91 48.04 -0.84
N ASP A 129 -14.41 47.29 0.14
CA ASP A 129 -15.11 47.85 1.28
C ASP A 129 -14.52 47.23 2.56
N PRO A 130 -13.79 48.01 3.39
CA PRO A 130 -13.29 47.51 4.68
C PRO A 130 -14.38 46.97 5.62
N ALA A 131 -15.61 47.48 5.50
CA ALA A 131 -16.70 46.99 6.33
C ALA A 131 -17.08 45.54 6.00
N ALA A 132 -16.62 45.01 4.86
CA ALA A 132 -17.02 43.68 4.45
C ALA A 132 -16.02 42.63 4.94
N PHE A 133 -14.94 43.08 5.59
CA PHE A 133 -13.91 42.17 6.08
C PHE A 133 -13.79 42.29 7.61
N ASP A 134 -13.53 41.17 8.27
CA ASP A 134 -12.93 41.11 9.58
C ASP A 134 -11.44 40.96 9.35
N TYR A 135 -10.67 41.97 9.78
CA TYR A 135 -9.26 42.07 9.48
C TYR A 135 -8.38 41.23 10.41
N GLY A 136 -8.96 40.61 11.45
CA GLY A 136 -8.22 39.75 12.38
C GLY A 136 -6.93 40.40 12.89
N ARG A 137 -5.78 39.79 12.59
CA ARG A 137 -4.48 40.29 13.02
C ARG A 137 -3.72 40.92 11.86
N SER A 138 -4.41 41.35 10.80
CA SER A 138 -3.69 41.78 9.59
C SER A 138 -3.12 43.19 9.78
N GLY A 139 -3.70 43.93 10.72
CA GLY A 139 -3.36 45.32 10.97
C GLY A 139 -3.88 46.26 9.87
N LEU A 140 -4.93 45.85 9.15
CA LEU A 140 -5.39 46.61 8.00
C LEU A 140 -6.47 47.62 8.39
N GLY A 141 -7.12 47.44 9.54
CA GLY A 141 -8.11 48.42 9.96
C GLY A 141 -7.51 49.83 10.06
N GLY A 142 -8.23 50.83 9.53
CA GLY A 142 -7.79 52.22 9.61
C GLY A 142 -6.70 52.59 8.61
N LYS A 143 -6.18 51.60 7.85
CA LYS A 143 -5.39 51.96 6.69
C LYS A 143 -6.34 52.57 5.67
N GLN A 144 -5.80 53.15 4.62
CA GLN A 144 -6.65 53.94 3.75
C GLN A 144 -6.47 53.24 2.42
N LEU A 145 -7.32 52.23 2.21
CA LEU A 145 -7.21 51.39 1.05
C LEU A 145 -8.27 51.86 0.05
N PRO A 146 -7.88 52.06 -1.23
CA PRO A 146 -8.79 52.64 -2.21
C PRO A 146 -10.00 51.77 -2.50
N LYS A 147 -11.09 52.44 -2.90
CA LYS A 147 -12.30 51.75 -3.28
C LYS A 147 -12.10 50.90 -4.55
N ASP A 148 -11.00 51.15 -5.28
CA ASP A 148 -10.74 50.47 -6.54
C ASP A 148 -9.59 49.49 -6.37
N LEU A 149 -9.31 49.08 -5.14
CA LEU A 149 -8.22 48.14 -4.89
C LEU A 149 -8.41 46.83 -5.66
N GLY A 150 -9.66 46.37 -5.69
CA GLY A 150 -10.01 45.07 -6.23
C GLY A 150 -9.82 43.95 -5.23
N PHE A 151 -9.98 42.72 -5.75
CA PHE A 151 -10.01 41.49 -4.97
C PHE A 151 -9.03 40.49 -5.57
N ALA A 152 -8.84 39.34 -4.90
CA ALA A 152 -7.99 38.26 -5.40
C ALA A 152 -8.83 37.19 -6.10
N GLY A 153 -10.14 37.20 -5.87
CA GLY A 153 -11.01 36.17 -6.39
C GLY A 153 -12.30 36.06 -5.60
N PHE A 154 -13.05 34.98 -5.83
CA PHE A 154 -14.37 34.83 -5.23
C PHE A 154 -14.66 33.37 -4.96
N ARG A 155 -15.66 33.12 -4.12
CA ARG A 155 -16.15 31.77 -3.84
C ARG A 155 -17.67 31.81 -3.73
N LEU A 156 -18.30 30.69 -4.07
CA LEU A 156 -19.75 30.59 -4.09
C LEU A 156 -20.22 29.67 -2.98
N ASN A 157 -21.39 30.02 -2.44
CA ASN A 157 -22.01 29.22 -1.37
C ASN A 157 -23.52 29.19 -1.55
N THR A 158 -24.18 28.08 -1.22
CA THR A 158 -25.62 28.08 -1.10
C THR A 158 -25.98 28.97 0.08
N ARG A 159 -27.19 29.52 0.02
CA ARG A 159 -27.78 30.28 1.12
C ARG A 159 -28.16 29.34 2.26
N LYS A 160 -28.42 28.05 1.97
CA LYS A 160 -28.74 27.10 3.03
C LYS A 160 -27.49 26.74 3.82
N ASP A 161 -26.30 26.95 3.27
CA ASP A 161 -25.09 26.43 3.89
C ASP A 161 -23.93 27.37 3.61
N THR A 162 -23.87 28.48 4.34
CA THR A 162 -23.13 29.65 3.87
C THR A 162 -21.64 29.51 4.20
N ASP A 163 -21.26 28.48 4.96
CA ASP A 163 -19.85 28.25 5.25
C ASP A 163 -19.21 27.26 4.27
N ARG A 164 -19.99 26.61 3.40
CA ARG A 164 -19.46 25.64 2.46
C ARG A 164 -19.24 26.33 1.11
N ASP A 165 -17.98 26.28 0.63
CA ASP A 165 -17.61 26.76 -0.70
C ASP A 165 -17.78 25.64 -1.72
N PHE A 166 -18.72 25.77 -2.66
CA PHE A 166 -18.88 24.77 -3.70
C PHE A 166 -18.01 25.10 -4.92
N SER A 167 -17.53 26.35 -5.03
CA SER A 167 -16.49 26.69 -6.00
C SER A 167 -15.67 27.87 -5.46
N ALA A 168 -14.41 27.96 -5.93
CA ALA A 168 -13.49 29.01 -5.56
C ALA A 168 -12.57 29.29 -6.74
N PHE A 169 -12.57 30.57 -7.16
CA PHE A 169 -11.77 31.12 -8.24
C PHE A 169 -10.72 32.03 -7.61
N LEU A 170 -9.43 31.64 -7.69
CA LEU A 170 -8.39 32.32 -6.94
C LEU A 170 -6.99 32.04 -7.52
N GLY A 171 -6.28 33.13 -7.85
CA GLY A 171 -4.88 33.04 -8.25
C GLY A 171 -4.77 32.77 -9.76
N ALA A 172 -4.19 33.73 -10.49
CA ALA A 172 -3.88 33.56 -11.90
C ALA A 172 -5.18 33.26 -12.64
N SER A 173 -5.24 32.17 -13.43
CA SER A 173 -6.55 31.76 -13.98
C SER A 173 -7.10 30.46 -13.37
N TYR A 174 -6.65 30.14 -12.14
CA TYR A 174 -7.00 28.91 -11.44
C TYR A 174 -8.36 29.00 -10.77
N PHE A 175 -9.04 27.86 -10.70
CA PHE A 175 -10.25 27.72 -9.92
C PHE A 175 -10.42 26.24 -9.54
N ARG A 176 -11.28 26.01 -8.54
CA ARG A 176 -11.57 24.68 -8.03
C ARG A 176 -13.03 24.58 -7.68
N ALA A 177 -13.54 23.34 -7.72
CA ALA A 177 -14.87 23.07 -7.18
C ALA A 177 -14.88 21.69 -6.55
N VAL A 178 -16.00 21.38 -5.87
CA VAL A 178 -16.18 20.10 -5.22
C VAL A 178 -17.60 19.62 -5.51
N GLY A 179 -17.78 18.30 -5.46
CA GLY A 179 -19.13 17.77 -5.37
C GLY A 179 -19.53 17.50 -3.92
N LYS A 180 -20.38 16.49 -3.77
CA LYS A 180 -21.02 16.07 -2.54
C LYS A 180 -20.05 15.98 -1.39
N GLU A 181 -18.89 15.33 -1.58
CA GLU A 181 -18.03 15.04 -0.45
C GLU A 181 -17.39 16.30 0.13
N GLY A 182 -17.28 17.38 -0.67
CA GLY A 182 -16.86 18.69 -0.20
C GLY A 182 -15.35 18.81 0.08
N GLN A 183 -14.53 17.82 -0.32
CA GLN A 183 -13.10 17.89 -0.04
C GLN A 183 -12.35 18.42 -1.27
N TYR A 184 -11.67 19.57 -1.10
CA TYR A 184 -10.99 20.23 -2.22
C TYR A 184 -9.78 19.39 -2.59
N GLY A 185 -9.47 19.35 -3.90
CA GLY A 185 -8.30 18.65 -4.39
C GLY A 185 -7.70 19.37 -5.60
N GLN A 186 -7.79 18.74 -6.78
CA GLN A 186 -7.17 19.30 -7.97
C GLN A 186 -7.88 20.60 -8.39
N SER A 187 -7.18 21.29 -9.29
CA SER A 187 -7.56 22.57 -9.85
C SER A 187 -7.76 22.45 -11.36
N ALA A 188 -8.56 23.38 -11.87
CA ALA A 188 -8.66 23.73 -13.26
C ALA A 188 -8.02 25.09 -13.45
N ARG A 189 -7.82 25.45 -14.72
CA ARG A 189 -7.42 26.80 -15.08
C ARG A 189 -8.22 27.25 -16.29
N GLY A 190 -8.29 28.57 -16.45
CA GLY A 190 -8.83 29.13 -17.66
C GLY A 190 -8.02 28.67 -18.87
N LEU A 191 -6.70 28.63 -18.73
CA LEU A 191 -5.83 28.37 -19.86
C LEU A 191 -4.44 28.07 -19.35
N ALA A 192 -3.73 27.25 -20.13
CA ALA A 192 -2.32 26.96 -19.92
C ALA A 192 -1.57 27.34 -21.19
N ILE A 193 -0.36 27.87 -20.99
CA ILE A 193 0.50 28.27 -22.08
C ILE A 193 1.93 27.85 -21.79
N ASP A 194 2.47 27.04 -22.70
CA ASP A 194 3.85 26.60 -22.71
C ASP A 194 4.17 25.84 -21.44
N THR A 195 3.22 25.08 -20.91
CA THR A 195 3.52 24.17 -19.82
C THR A 195 4.49 23.09 -20.30
N GLY A 196 5.53 22.82 -19.52
CA GLY A 196 6.33 21.63 -19.72
C GLY A 196 7.25 21.71 -20.95
N THR A 197 7.64 22.93 -21.35
CA THR A 197 8.45 23.09 -22.55
C THR A 197 9.93 23.02 -22.19
N GLY A 198 10.26 22.98 -20.89
CA GLY A 198 11.63 23.14 -20.43
C GLY A 198 12.04 24.62 -20.30
N GLY A 199 11.52 25.49 -21.19
CA GLY A 199 11.58 26.93 -21.05
C GLY A 199 10.55 27.45 -20.05
N PRO A 200 10.40 28.78 -19.84
CA PRO A 200 9.47 29.33 -18.84
C PRO A 200 8.00 29.24 -19.27
N GLU A 201 7.14 28.93 -18.29
CA GLU A 201 5.71 28.80 -18.51
C GLU A 201 5.09 30.20 -18.43
N GLU A 202 4.07 30.45 -19.25
CA GLU A 202 3.36 31.71 -19.16
C GLU A 202 2.01 31.45 -18.46
N PHE A 203 1.71 32.21 -17.40
CA PHE A 203 0.53 32.01 -16.61
C PHE A 203 -0.46 33.16 -16.83
N PRO A 204 -1.57 32.93 -17.57
CA PRO A 204 -2.63 33.92 -17.68
C PRO A 204 -3.25 34.29 -16.35
N ASP A 205 -3.90 35.47 -16.29
CA ASP A 205 -4.70 35.88 -15.15
C ASP A 205 -6.15 36.14 -15.59
N PHE A 206 -7.10 35.74 -14.73
CA PHE A 206 -8.41 36.39 -14.75
C PHE A 206 -8.29 37.74 -14.06
N ILE A 207 -8.57 38.84 -14.79
CA ILE A 207 -8.41 40.18 -14.24
C ILE A 207 -9.75 40.81 -13.90
N ALA A 208 -10.85 40.19 -14.32
CA ALA A 208 -12.19 40.58 -13.92
C ALA A 208 -13.13 39.39 -13.98
N TYR A 209 -14.10 39.42 -13.06
CA TYR A 209 -15.18 38.47 -12.95
C TYR A 209 -16.48 39.27 -12.85
N TYR A 210 -17.49 38.87 -13.63
CA TYR A 210 -18.83 39.44 -13.61
C TYR A 210 -19.78 38.34 -13.14
N LEU A 211 -20.33 38.49 -11.93
CA LEU A 211 -21.24 37.53 -11.32
C LEU A 211 -22.69 37.93 -11.64
N GLU A 212 -23.39 37.09 -12.42
CA GLU A 212 -24.78 37.34 -12.77
C GLU A 212 -25.71 36.86 -11.65
N GLN A 213 -26.43 37.82 -11.05
CA GLN A 213 -27.46 37.50 -10.08
C GLN A 213 -28.40 36.48 -10.69
N PRO A 214 -28.53 35.26 -10.12
CA PRO A 214 -29.53 34.32 -10.61
C PRO A 214 -30.97 34.72 -10.28
N ALA A 215 -31.91 34.25 -11.10
CA ALA A 215 -33.30 34.21 -10.73
C ALA A 215 -33.45 33.52 -9.38
N ASP A 216 -34.50 33.90 -8.65
CA ASP A 216 -34.73 33.42 -7.31
C ASP A 216 -34.88 31.89 -7.30
N ASP A 217 -35.41 31.30 -8.38
CA ASP A 217 -35.59 29.86 -8.43
C ASP A 217 -34.51 29.15 -9.28
N SER A 218 -33.43 29.83 -9.69
CA SER A 218 -32.43 29.20 -10.55
C SER A 218 -31.51 28.30 -9.72
N ASP A 219 -31.12 27.17 -10.33
CA ASP A 219 -30.17 26.26 -9.75
C ASP A 219 -28.74 26.57 -10.26
N THR A 220 -28.61 27.58 -11.13
CA THR A 220 -27.35 27.93 -11.77
C THR A 220 -26.88 29.35 -11.40
N VAL A 221 -25.56 29.50 -11.22
CA VAL A 221 -24.87 30.78 -11.21
C VAL A 221 -24.01 30.90 -12.46
N VAL A 222 -24.25 31.98 -13.23
CA VAL A 222 -23.41 32.33 -14.37
C VAL A 222 -22.40 33.40 -13.96
N VAL A 223 -21.12 33.10 -14.25
CA VAL A 223 -19.98 33.98 -14.05
C VAL A 223 -19.24 34.18 -15.37
N TYR A 224 -18.85 35.43 -15.66
CA TYR A 224 -18.02 35.75 -16.80
C TYR A 224 -16.63 36.14 -16.30
N GLY A 225 -15.63 35.87 -17.13
CA GLY A 225 -14.26 36.16 -16.78
C GLY A 225 -13.56 36.79 -17.97
N LEU A 226 -12.75 37.80 -17.67
CA LEU A 226 -11.87 38.41 -18.65
C LEU A 226 -10.45 37.97 -18.34
N LEU A 227 -9.80 37.37 -19.32
CA LEU A 227 -8.50 36.75 -19.12
C LEU A 227 -7.48 37.56 -19.90
N ASP A 228 -6.28 37.78 -19.33
CA ASP A 228 -5.22 38.36 -20.12
C ASP A 228 -3.89 37.71 -19.76
N SER A 229 -3.00 37.67 -20.73
CA SER A 229 -1.73 36.98 -20.61
C SER A 229 -0.82 37.57 -21.68
N PRO A 230 0.52 37.58 -21.52
CA PRO A 230 1.38 38.10 -22.61
C PRO A 230 0.92 37.71 -24.01
N SER A 231 0.60 36.42 -24.23
CA SER A 231 0.39 35.91 -25.57
C SER A 231 -1.06 36.08 -26.07
N VAL A 232 -2.03 36.32 -25.18
CA VAL A 232 -3.44 36.07 -25.54
C VAL A 232 -4.37 36.75 -24.54
N SER A 233 -5.55 37.17 -25.00
CA SER A 233 -6.63 37.64 -24.14
C SER A 233 -7.83 36.71 -24.31
N GLY A 234 -8.79 36.74 -23.37
CA GLY A 234 -9.98 35.93 -23.59
C GLY A 234 -11.20 36.36 -22.78
N ALA A 235 -12.35 35.90 -23.27
CA ALA A 235 -13.62 36.12 -22.61
C ALA A 235 -14.27 34.77 -22.33
N TYR A 236 -14.71 34.58 -21.07
CA TYR A 236 -15.11 33.29 -20.56
C TYR A 236 -16.50 33.44 -19.96
N ARG A 237 -17.30 32.41 -20.17
CA ARG A 237 -18.63 32.31 -19.54
C ARG A 237 -18.68 30.96 -18.82
N PHE A 238 -18.92 30.98 -17.53
CA PHE A 238 -19.07 29.77 -16.72
C PHE A 238 -20.48 29.67 -16.14
N ALA A 239 -21.29 28.73 -16.63
CA ALA A 239 -22.60 28.45 -16.03
C ALA A 239 -22.42 27.31 -15.04
N ILE A 240 -22.49 27.66 -13.75
CA ILE A 240 -22.15 26.73 -12.69
C ILE A 240 -23.40 26.19 -12.03
N THR A 241 -23.59 24.87 -12.16
CA THR A 241 -24.73 24.19 -11.55
C THR A 241 -24.22 23.26 -10.44
N ASN A 242 -24.42 23.69 -9.20
CA ASN A 242 -24.02 22.90 -8.04
C ASN A 242 -24.85 21.63 -7.98
N GLY A 243 -24.26 20.59 -7.41
CA GLY A 243 -24.93 19.31 -7.30
C GLY A 243 -23.97 18.28 -6.71
N GLU A 244 -24.44 17.06 -6.61
CA GLU A 244 -23.67 15.96 -6.10
C GLU A 244 -22.40 15.77 -6.93
N VAL A 245 -22.55 15.83 -8.26
CA VAL A 245 -21.46 16.14 -9.17
C VAL A 245 -21.70 17.56 -9.66
N LEU A 246 -20.73 18.46 -9.47
CA LEU A 246 -20.95 19.83 -9.90
C LEU A 246 -20.57 19.96 -11.36
N VAL A 247 -21.39 20.67 -12.13
CA VAL A 247 -21.14 20.89 -13.55
C VAL A 247 -20.92 22.38 -13.78
N MET A 248 -19.96 22.67 -14.65
CA MET A 248 -19.77 23.98 -15.22
C MET A 248 -19.86 23.91 -16.74
N ASP A 249 -20.73 24.73 -17.32
CA ASP A 249 -20.85 24.85 -18.79
C ASP A 249 -20.05 26.09 -19.21
N ILE A 250 -18.94 25.84 -19.91
CA ILE A 250 -17.98 26.88 -20.19
C ILE A 250 -17.88 27.17 -21.70
N ASP A 251 -17.85 28.47 -21.97
CA ASP A 251 -17.52 29.02 -23.28
C ASP A 251 -16.34 29.97 -23.15
N SER A 252 -15.43 29.85 -24.13
CA SER A 252 -14.20 30.62 -24.13
C SER A 252 -14.00 31.13 -25.55
N ALA A 253 -13.61 32.41 -25.63
CA ALA A 253 -13.22 33.09 -26.84
C ALA A 253 -11.85 33.71 -26.63
N LEU A 254 -10.89 33.26 -27.43
CA LEU A 254 -9.51 33.63 -27.31
C LEU A 254 -9.06 34.46 -28.50
N TYR A 255 -8.18 35.41 -28.20
CA TYR A 255 -7.70 36.40 -29.13
C TYR A 255 -6.20 36.48 -28.93
N PRO A 256 -5.42 35.72 -29.70
CA PRO A 256 -3.98 35.77 -29.56
C PRO A 256 -3.43 37.11 -29.99
N ARG A 257 -2.31 37.46 -29.39
CA ARG A 257 -1.54 38.65 -29.63
C ARG A 257 -0.27 38.20 -30.34
N LYS A 258 0.13 36.93 -30.14
CA LYS A 258 1.33 36.33 -30.71
C LYS A 258 1.02 34.89 -31.08
N ALA A 259 1.84 34.28 -31.93
CA ALA A 259 1.83 32.84 -32.15
C ALA A 259 2.16 32.14 -30.84
N ILE A 260 1.51 31.00 -30.61
CA ILE A 260 1.66 30.27 -29.36
C ILE A 260 2.13 28.85 -29.64
N GLU A 261 3.28 28.50 -29.05
CA GLU A 261 3.87 27.18 -29.28
C GLU A 261 2.94 26.12 -28.71
N ARG A 262 2.44 26.28 -27.46
CA ARG A 262 1.72 25.20 -26.80
C ARG A 262 0.54 25.75 -26.02
N LEU A 263 -0.55 25.98 -26.72
CA LEU A 263 -1.78 26.42 -26.09
C LEU A 263 -2.44 25.22 -25.42
N GLY A 264 -3.00 25.46 -24.23
CA GLY A 264 -3.61 24.40 -23.45
C GLY A 264 -5.03 24.73 -23.02
N ILE A 265 -6.00 24.09 -23.69
CA ILE A 265 -7.42 24.25 -23.43
C ILE A 265 -7.89 23.25 -22.36
N GLY A 266 -8.80 23.69 -21.48
CA GLY A 266 -9.38 22.83 -20.47
C GLY A 266 -8.35 22.23 -19.50
N PRO A 267 -7.31 22.96 -19.05
CA PRO A 267 -6.23 22.34 -18.29
C PRO A 267 -6.73 21.90 -16.91
N CYS A 268 -6.29 20.71 -16.54
CA CYS A 268 -6.49 20.11 -15.24
C CYS A 268 -5.12 20.12 -14.54
N THR A 269 -5.10 20.48 -13.26
CA THR A 269 -3.84 20.57 -12.55
C THR A 269 -3.93 19.85 -11.22
N SER A 270 -3.04 18.84 -11.06
CA SER A 270 -3.10 17.92 -9.94
C SER A 270 -1.70 17.62 -9.38
N MET A 271 -1.63 16.64 -8.46
CA MET A 271 -0.41 16.24 -7.76
C MET A 271 -0.40 14.71 -7.64
N TYR A 272 0.75 14.12 -7.97
CA TYR A 272 1.00 12.72 -7.76
C TYR A 272 2.39 12.56 -7.14
N GLN A 273 2.46 12.22 -5.84
CA GLN A 273 3.77 11.96 -5.27
C GLN A 273 4.15 10.49 -5.37
N THR A 274 3.27 9.61 -4.90
CA THR A 274 3.64 8.21 -4.80
C THR A 274 2.37 7.38 -4.71
N GLY A 275 2.53 6.12 -5.10
CA GLY A 275 1.46 5.14 -5.00
C GLY A 275 1.82 3.92 -5.83
N GLU A 276 0.88 3.01 -5.94
CA GLU A 276 1.14 1.77 -6.65
C GLU A 276 1.60 2.03 -8.07
N ASN A 277 1.05 3.01 -8.78
CA ASN A 277 1.47 3.35 -10.16
C ASN A 277 2.99 3.59 -10.24
N ASP A 278 3.57 4.17 -9.20
CA ASP A 278 4.97 4.61 -9.21
C ASP A 278 5.43 4.89 -7.78
N ARG A 279 6.34 4.01 -7.31
CA ARG A 279 6.84 4.01 -5.94
C ARG A 279 8.22 4.66 -5.84
N ARG A 280 8.68 5.34 -6.88
CA ARG A 280 9.99 6.00 -6.84
C ARG A 280 10.16 6.87 -5.60
N MET A 281 9.17 7.70 -5.30
CA MET A 281 9.23 8.58 -4.11
C MET A 281 8.35 7.98 -2.99
N ASP A 282 8.64 6.76 -2.56
CA ASP A 282 7.90 6.11 -1.45
C ASP A 282 8.62 6.39 -0.11
N TRP A 283 8.76 7.66 0.25
CA TRP A 283 9.47 8.07 1.49
C TRP A 283 8.51 8.29 2.64
N ASP A 284 7.21 8.13 2.40
CA ASP A 284 6.23 8.49 3.40
C ASP A 284 5.67 7.22 4.04
N TRP A 285 5.18 7.34 5.28
CA TRP A 285 4.41 6.27 5.91
C TRP A 285 3.07 6.02 5.21
N ARG A 286 2.50 7.07 4.60
CA ARG A 286 1.29 6.96 3.81
C ARG A 286 1.63 6.33 2.46
N PRO A 287 0.96 5.22 2.07
CA PRO A 287 1.27 4.53 0.83
C PRO A 287 0.80 5.14 -0.48
N GLU A 288 -0.28 5.95 -0.45
CA GLU A 288 -0.79 6.65 -1.62
C GLU A 288 -0.92 8.12 -1.26
N ILE A 289 -0.22 8.95 -2.06
CA ILE A 289 -0.27 10.38 -1.91
C ILE A 289 -0.43 10.98 -3.29
N HIS A 290 -1.64 11.45 -3.56
CA HIS A 290 -1.96 12.05 -4.88
C HIS A 290 -3.40 12.57 -4.84
N ASP A 291 -3.67 13.60 -5.62
CA ASP A 291 -5.02 14.14 -5.73
C ASP A 291 -5.80 13.48 -6.87
N THR A 292 -5.06 12.82 -7.77
CA THR A 292 -5.59 12.04 -8.87
C THR A 292 -4.62 10.91 -9.18
N ASP A 293 -5.12 9.78 -9.69
CA ASP A 293 -4.22 8.66 -10.00
C ASP A 293 -4.16 8.31 -11.50
N GLY A 294 -5.02 8.87 -12.36
CA GLY A 294 -4.88 8.61 -13.78
C GLY A 294 -5.43 9.74 -14.67
N LEU A 295 -4.90 9.81 -15.89
CA LEU A 295 -5.51 10.54 -16.98
C LEU A 295 -6.42 9.58 -17.76
N ALA A 296 -7.69 9.97 -17.85
CA ALA A 296 -8.69 9.21 -18.61
C ALA A 296 -8.98 9.98 -19.89
N MET A 297 -9.17 9.23 -20.99
CA MET A 297 -9.49 9.83 -22.28
C MET A 297 -10.52 8.96 -23.01
N TRP A 298 -11.50 9.65 -23.60
CA TRP A 298 -12.48 9.08 -24.51
C TRP A 298 -12.19 9.69 -25.89
N THR A 299 -11.65 8.88 -26.82
CA THR A 299 -11.17 9.40 -28.09
C THR A 299 -12.30 9.58 -29.12
N GLY A 300 -12.02 10.41 -30.12
CA GLY A 300 -12.93 10.58 -31.24
C GLY A 300 -13.25 9.24 -31.92
N GLY A 301 -12.22 8.39 -32.06
CA GLY A 301 -12.41 7.07 -32.60
C GLY A 301 -13.20 6.10 -31.73
N GLY A 302 -13.49 6.47 -30.47
CA GLY A 302 -14.39 5.72 -29.60
C GLY A 302 -13.70 4.84 -28.55
N GLU A 303 -12.39 5.02 -28.37
CA GLU A 303 -11.60 4.26 -27.40
C GLU A 303 -11.60 4.95 -26.05
N TRP A 304 -11.70 4.14 -24.99
CA TRP A 304 -11.48 4.58 -23.63
C TRP A 304 -10.07 4.21 -23.22
N ILE A 305 -9.35 5.18 -22.66
CA ILE A 305 -7.98 4.98 -22.19
C ILE A 305 -7.82 5.45 -20.73
N TRP A 306 -7.07 4.63 -19.99
CA TRP A 306 -6.59 4.88 -18.65
C TRP A 306 -5.06 4.90 -18.66
N ARG A 307 -4.53 6.08 -18.30
CA ARG A 307 -3.10 6.36 -18.29
C ARG A 307 -2.71 6.69 -16.86
N PRO A 308 -2.17 5.70 -16.13
CA PRO A 308 -1.78 5.93 -14.73
C PRO A 308 -0.70 7.02 -14.62
N LEU A 309 -0.94 7.96 -13.69
CA LEU A 309 0.00 9.03 -13.39
C LEU A 309 1.20 8.52 -12.59
N CYS A 310 2.34 9.13 -12.88
CA CYS A 310 3.62 8.81 -12.28
C CYS A 310 4.25 10.08 -11.72
N ASN A 311 5.34 9.86 -10.98
CA ASN A 311 6.19 10.92 -10.45
C ASN A 311 7.60 10.64 -10.94
N PRO A 312 7.91 11.04 -12.19
CA PRO A 312 9.16 10.64 -12.85
C PRO A 312 10.38 11.41 -12.35
N PRO A 313 11.59 10.89 -12.59
CA PRO A 313 12.81 11.53 -12.09
C PRO A 313 13.19 12.80 -12.86
N HIS A 314 12.63 12.93 -14.07
CA HIS A 314 12.85 14.15 -14.88
C HIS A 314 11.51 14.53 -15.52
N LEU A 315 11.36 15.79 -15.92
CA LEU A 315 10.12 16.24 -16.50
C LEU A 315 9.75 15.36 -17.69
N ARG A 316 8.48 14.96 -17.80
CA ARG A 316 8.03 14.18 -18.95
C ARG A 316 6.84 14.88 -19.59
N PHE A 317 6.91 15.02 -20.91
CA PHE A 317 5.87 15.61 -21.73
C PHE A 317 5.39 14.53 -22.70
N ASN A 318 4.07 14.30 -22.76
CA ASN A 318 3.51 13.28 -23.62
C ASN A 318 2.28 13.85 -24.28
N MET A 319 2.09 13.43 -25.53
CA MET A 319 0.92 13.81 -26.29
C MET A 319 0.20 12.56 -26.83
N PHE A 320 -1.13 12.64 -26.80
CA PHE A 320 -2.03 11.62 -27.29
C PHE A 320 -2.88 12.23 -28.41
N VAL A 321 -2.50 11.91 -29.65
CA VAL A 321 -3.10 12.49 -30.85
C VAL A 321 -4.56 12.05 -30.95
N ASP A 322 -5.46 12.96 -31.31
CA ASP A 322 -6.88 12.65 -31.31
C ASP A 322 -7.53 13.61 -32.30
N GLU A 323 -8.81 13.42 -32.52
CA GLU A 323 -9.55 14.25 -33.45
C GLU A 323 -11.00 14.18 -32.99
N ASN A 324 -11.62 15.35 -32.73
CA ASN A 324 -12.98 15.43 -32.17
C ASN A 324 -13.05 14.63 -30.87
N PRO A 325 -12.15 14.90 -29.89
CA PRO A 325 -12.14 14.16 -28.64
C PRO A 325 -13.49 14.27 -27.96
N ARG A 326 -13.90 13.20 -27.29
CA ARG A 326 -15.19 13.15 -26.55
C ARG A 326 -14.99 13.58 -25.09
N GLY A 327 -13.82 13.31 -24.51
CA GLY A 327 -13.55 13.78 -23.16
C GLY A 327 -12.16 13.36 -22.70
N PHE A 328 -11.65 14.11 -21.71
CA PHE A 328 -10.41 13.75 -21.04
C PHE A 328 -10.47 14.36 -19.64
N GLY A 329 -9.65 13.83 -18.74
CA GLY A 329 -9.65 14.40 -17.40
C GLY A 329 -8.71 13.63 -16.48
N LEU A 330 -8.56 14.17 -15.28
CA LEU A 330 -7.77 13.51 -14.24
C LEU A 330 -8.73 13.02 -13.18
N LEU A 331 -8.68 11.70 -12.93
CA LEU A 331 -9.57 11.02 -12.02
C LEU A 331 -8.80 10.55 -10.77
N GLN A 332 -9.52 10.55 -9.63
CA GLN A 332 -9.09 9.89 -8.42
C GLN A 332 -9.96 8.65 -8.30
N ARG A 333 -9.48 7.59 -8.97
CA ARG A 333 -10.28 6.40 -9.11
C ARG A 333 -10.24 5.55 -7.83
N ASP A 334 -9.09 5.46 -7.18
CA ASP A 334 -9.04 4.74 -5.92
C ASP A 334 -9.64 5.64 -4.83
N ARG A 335 -10.82 5.26 -4.35
CA ARG A 335 -11.55 6.05 -3.35
C ARG A 335 -11.68 5.27 -2.04
N ASN A 336 -10.71 4.39 -1.80
CA ASN A 336 -10.65 3.60 -0.59
C ASN A 336 -9.70 4.23 0.42
N PHE A 337 -10.21 4.67 1.57
CA PHE A 337 -9.39 5.31 2.58
C PHE A 337 -8.28 4.39 3.08
N ASP A 338 -8.54 3.08 3.10
CA ASP A 338 -7.57 2.09 3.57
C ASP A 338 -6.22 2.23 2.86
N HIS A 339 -6.22 2.69 1.61
CA HIS A 339 -4.99 2.77 0.83
C HIS A 339 -4.26 4.10 1.01
N TYR A 340 -4.92 5.10 1.63
CA TYR A 340 -4.32 6.42 1.81
C TYR A 340 -3.92 6.74 3.27
N GLN A 341 -4.87 6.52 4.18
CA GLN A 341 -4.70 6.55 5.63
C GLN A 341 -4.59 7.98 6.15
N ASP A 342 -4.88 8.99 5.33
CA ASP A 342 -4.71 10.36 5.82
C ASP A 342 -6.06 10.92 6.26
N ASP A 343 -6.31 10.87 7.56
CA ASP A 343 -7.58 11.30 8.10
C ASP A 343 -7.50 12.79 8.43
N GLY A 344 -6.48 13.47 7.93
CA GLY A 344 -6.40 14.93 7.93
C GLY A 344 -6.85 15.56 6.61
N VAL A 345 -6.40 15.04 5.43
CA VAL A 345 -6.67 15.72 4.16
C VAL A 345 -7.59 14.93 3.22
N PHE A 346 -7.93 13.68 3.57
CA PHE A 346 -8.88 12.84 2.86
C PHE A 346 -8.62 12.80 1.36
N TYR A 347 -7.48 12.26 0.95
CA TYR A 347 -7.17 12.15 -0.46
C TYR A 347 -8.23 11.36 -1.25
N GLU A 348 -8.80 10.32 -0.60
CA GLU A 348 -9.73 9.41 -1.26
C GLU A 348 -11.04 10.11 -1.61
N LYS A 349 -11.31 11.27 -1.01
CA LYS A 349 -12.55 12.01 -1.28
C LYS A 349 -12.43 13.12 -2.32
N ARG A 350 -11.22 13.35 -2.81
CA ARG A 350 -10.97 14.47 -3.67
C ARG A 350 -11.63 14.22 -5.03
N PRO A 351 -12.04 15.29 -5.72
CA PRO A 351 -12.81 15.17 -6.95
C PRO A 351 -12.03 14.75 -8.18
N CYS A 352 -12.70 13.94 -8.98
CA CYS A 352 -12.44 13.81 -10.40
C CYS A 352 -12.81 15.10 -11.11
N LEU A 353 -12.08 15.39 -12.18
CA LEU A 353 -12.37 16.52 -13.05
C LEU A 353 -12.38 15.98 -14.48
N TRP A 354 -13.55 16.09 -15.11
CA TRP A 354 -13.78 15.58 -16.44
C TRP A 354 -14.11 16.74 -17.38
N VAL A 355 -13.40 16.78 -18.51
CA VAL A 355 -13.56 17.81 -19.50
C VAL A 355 -14.30 17.17 -20.68
N GLU A 356 -15.46 17.72 -21.03
CA GLU A 356 -16.29 17.26 -22.12
C GLU A 356 -16.45 18.35 -23.17
N PRO A 357 -15.66 18.30 -24.27
CA PRO A 357 -15.82 19.22 -25.38
C PRO A 357 -17.26 19.33 -25.86
N LYS A 358 -17.64 20.56 -26.12
CA LYS A 358 -18.96 20.79 -26.76
C LYS A 358 -18.64 20.84 -28.26
N SER A 359 -19.32 20.05 -29.06
CA SER A 359 -19.03 19.97 -30.52
C SER A 359 -17.67 19.34 -30.81
N GLY A 360 -17.19 19.52 -32.02
CA GLY A 360 -15.93 18.91 -32.45
C GLY A 360 -14.76 19.85 -32.35
N TRP A 361 -13.72 19.40 -31.67
CA TRP A 361 -12.56 20.26 -31.54
C TRP A 361 -11.57 20.01 -32.66
N GLY A 362 -11.88 19.09 -33.57
CA GLY A 362 -10.99 18.86 -34.69
C GLY A 362 -9.72 18.17 -34.19
N LYS A 363 -8.64 18.31 -34.96
CA LYS A 363 -7.39 17.62 -34.66
C LYS A 363 -6.59 18.31 -33.57
N GLY A 364 -5.78 17.50 -32.89
CA GLY A 364 -4.90 18.00 -31.85
C GLY A 364 -4.42 16.83 -31.00
N SER A 365 -4.13 17.09 -29.73
CA SER A 365 -3.67 16.06 -28.82
C SER A 365 -4.07 16.42 -27.41
N VAL A 366 -4.38 15.39 -26.63
CA VAL A 366 -4.39 15.56 -25.20
C VAL A 366 -2.92 15.50 -24.79
N GLN A 367 -2.48 16.39 -23.92
CA GLN A 367 -1.08 16.44 -23.52
C GLN A 367 -0.99 16.38 -21.99
N LEU A 368 0.06 15.68 -21.53
CA LEU A 368 0.26 15.42 -20.13
C LEU A 368 1.68 15.84 -19.78
N VAL A 369 1.78 16.69 -18.75
CA VAL A 369 3.06 17.06 -18.15
C VAL A 369 3.18 16.47 -16.75
N GLU A 370 4.24 15.71 -16.50
CA GLU A 370 4.57 15.19 -15.19
C GLU A 370 5.94 15.75 -14.78
N ILE A 371 5.94 16.52 -13.68
CA ILE A 371 7.15 17.14 -13.12
C ILE A 371 7.61 16.32 -11.90
N PRO A 372 8.92 16.08 -11.70
CA PRO A 372 9.39 15.39 -10.47
C PRO A 372 8.95 16.17 -9.24
N THR A 373 8.52 15.50 -8.19
CA THR A 373 8.29 16.21 -6.96
C THR A 373 8.78 15.36 -5.80
N VAL A 374 9.25 16.05 -4.74
CA VAL A 374 9.73 15.35 -3.55
C VAL A 374 8.63 15.40 -2.53
N ASP A 375 7.62 16.23 -2.70
CA ASP A 375 6.54 16.21 -1.73
C ASP A 375 5.20 16.65 -2.35
N GLU A 376 4.15 16.58 -1.53
CA GLU A 376 2.75 16.76 -1.99
C GLU A 376 2.25 18.20 -2.03
N THR A 377 3.14 19.15 -1.80
CA THR A 377 2.77 20.57 -1.76
C THR A 377 2.82 21.21 -3.14
N PHE A 378 3.38 20.54 -4.13
CA PHE A 378 3.52 21.10 -5.45
C PHE A 378 2.60 20.32 -6.42
N ASN A 379 1.91 21.05 -7.29
CA ASN A 379 1.05 20.40 -8.31
C ASN A 379 1.92 19.98 -9.50
N ASN A 380 2.36 18.72 -9.51
CA ASN A 380 3.32 18.29 -10.51
C ASN A 380 2.64 17.62 -11.71
N ILE A 381 1.29 17.65 -11.80
CA ILE A 381 0.57 17.05 -12.92
C ILE A 381 -0.26 18.10 -13.64
N VAL A 382 -0.11 18.20 -14.95
CA VAL A 382 -0.91 19.11 -15.77
C VAL A 382 -1.38 18.36 -17.02
N ALA A 383 -2.68 18.41 -17.31
CA ALA A 383 -3.19 17.84 -18.55
C ALA A 383 -4.05 18.88 -19.24
N PHE A 384 -4.03 18.91 -20.59
CA PHE A 384 -4.84 19.85 -21.36
C PHE A 384 -4.95 19.38 -22.82
N TRP A 385 -5.79 20.09 -23.58
CA TRP A 385 -5.97 19.86 -25.01
C TRP A 385 -5.18 20.90 -25.79
N ASN A 386 -4.30 20.44 -26.69
CA ASN A 386 -3.59 21.32 -27.60
C ASN A 386 -4.14 21.18 -29.02
N PRO A 387 -4.77 22.23 -29.59
CA PRO A 387 -5.21 22.18 -31.00
C PRO A 387 -4.02 21.95 -31.91
N GLN A 388 -4.27 21.27 -33.04
CA GLN A 388 -3.20 21.12 -34.03
C GLN A 388 -2.70 22.47 -34.52
N ALA A 389 -3.60 23.39 -34.91
CA ALA A 389 -3.17 24.62 -35.56
C ALA A 389 -2.68 25.62 -34.51
N LYS A 390 -1.48 26.15 -34.76
CA LYS A 390 -0.92 27.22 -33.95
C LYS A 390 -1.83 28.41 -34.03
N PRO A 391 -2.32 28.99 -32.91
CA PRO A 391 -3.07 30.24 -32.98
C PRO A 391 -2.19 31.36 -33.55
N GLN A 392 -2.82 32.34 -34.20
CA GLN A 392 -2.14 33.45 -34.88
C GLN A 392 -2.74 34.76 -34.39
N PRO A 393 -1.93 35.85 -34.35
CA PRO A 393 -2.42 37.18 -33.97
C PRO A 393 -3.62 37.57 -34.80
N GLY A 394 -4.63 38.15 -34.13
CA GLY A 394 -5.80 38.68 -34.81
C GLY A 394 -6.95 37.67 -34.88
N GLN A 395 -6.66 36.37 -34.83
CA GLN A 395 -7.68 35.33 -34.99
C GLN A 395 -8.56 35.23 -33.74
N GLU A 396 -9.75 34.70 -33.92
CA GLU A 396 -10.63 34.36 -32.83
C GLU A 396 -10.64 32.85 -32.73
N LEU A 397 -10.50 32.30 -31.53
CA LEU A 397 -10.64 30.88 -31.36
C LEU A 397 -11.70 30.64 -30.29
N LEU A 398 -12.78 29.93 -30.66
CA LEU A 398 -13.89 29.62 -29.78
C LEU A 398 -13.76 28.19 -29.31
N MET A 399 -13.79 27.98 -28.00
CA MET A 399 -13.70 26.62 -27.47
C MET A 399 -14.67 26.53 -26.29
N GLY A 400 -15.58 25.56 -26.37
CA GLY A 400 -16.56 25.29 -25.32
C GLY A 400 -16.51 23.85 -24.81
N TYR A 401 -16.80 23.70 -23.52
CA TYR A 401 -16.74 22.41 -22.88
C TYR A 401 -17.49 22.46 -21.56
N ARG A 402 -17.77 21.27 -21.06
CA ARG A 402 -18.37 21.13 -19.73
C ARG A 402 -17.35 20.46 -18.81
N LEU A 403 -17.23 20.95 -17.59
CA LEU A 403 -16.37 20.39 -16.56
C LEU A 403 -17.25 19.78 -15.49
N TYR A 404 -16.92 18.55 -15.10
CA TYR A 404 -17.67 17.85 -14.08
C TYR A 404 -16.72 17.58 -12.93
N TRP A 405 -17.15 17.97 -11.72
CA TRP A 405 -16.36 17.77 -10.52
C TRP A 405 -17.11 16.88 -9.54
N GLY A 406 -16.52 15.74 -9.17
CA GLY A 406 -17.14 14.85 -8.19
C GLY A 406 -16.46 13.49 -8.14
N ALA A 407 -17.15 12.55 -7.47
CA ALA A 407 -16.59 11.26 -7.12
C ALA A 407 -16.33 10.43 -8.38
N HIS A 408 -17.16 10.63 -9.42
CA HIS A 408 -17.12 9.84 -10.65
C HIS A 408 -17.31 10.77 -11.83
N PRO A 409 -16.68 10.51 -13.01
CA PRO A 409 -16.91 11.30 -14.21
C PRO A 409 -18.29 10.89 -14.71
N PRO A 410 -19.03 11.72 -15.47
CA PRO A 410 -20.35 11.32 -15.96
C PRO A 410 -20.29 10.33 -17.09
N ALA A 411 -19.13 10.15 -17.70
CA ALA A 411 -19.00 9.12 -18.70
C ALA A 411 -17.80 8.27 -18.31
N SER A 412 -17.90 6.97 -18.62
CA SER A 412 -16.80 6.05 -18.49
C SER A 412 -17.01 4.86 -19.40
N SER A 413 -15.98 4.04 -19.55
CA SER A 413 -16.08 2.87 -20.39
C SER A 413 -17.20 1.96 -19.90
N PRO A 414 -18.05 1.42 -20.80
CA PRO A 414 -19.01 0.38 -20.42
C PRO A 414 -18.32 -0.96 -20.26
N LEU A 415 -17.05 -1.09 -20.70
CA LEU A 415 -16.29 -2.31 -20.46
C LEU A 415 -15.70 -2.30 -19.04
N ALA A 416 -14.92 -3.33 -18.68
CA ALA A 416 -14.22 -3.32 -17.41
C ALA A 416 -13.16 -2.20 -17.35
N HIS A 417 -12.99 -1.66 -16.15
CA HIS A 417 -12.06 -0.58 -15.87
C HIS A 417 -10.80 -1.15 -15.25
N CYS A 418 -9.68 -0.49 -15.54
CA CYS A 418 -8.47 -0.74 -14.77
C CYS A 418 -8.68 -0.24 -13.34
N VAL A 419 -8.63 -1.17 -12.36
CA VAL A 419 -8.84 -0.80 -10.97
C VAL A 419 -7.54 -0.84 -10.16
N ALA A 420 -6.43 -1.34 -10.74
CA ALA A 420 -5.16 -1.26 -10.05
C ALA A 420 -4.04 -1.51 -11.05
N THR A 421 -2.90 -0.86 -10.78
CA THR A 421 -1.67 -1.04 -11.51
C THR A 421 -0.58 -1.20 -10.46
N ARG A 422 0.24 -2.26 -10.61
CA ARG A 422 1.34 -2.49 -9.68
C ARG A 422 2.54 -2.95 -10.51
N THR A 423 3.74 -2.49 -10.09
CA THR A 423 4.94 -2.82 -10.83
C THR A 423 6.10 -3.10 -9.85
N GLY A 424 7.07 -3.88 -10.34
CA GLY A 424 8.22 -4.28 -9.55
C GLY A 424 9.21 -5.02 -10.45
N LEU A 425 10.33 -5.46 -9.86
CA LEU A 425 11.42 -6.09 -10.58
C LEU A 425 10.92 -7.38 -11.21
N GLY A 426 11.31 -7.58 -12.47
CA GLY A 426 10.84 -8.72 -13.24
C GLY A 426 11.62 -9.98 -12.94
N GLY A 427 11.23 -11.09 -13.57
CA GLY A 427 11.92 -12.37 -13.41
C GLY A 427 11.09 -13.36 -12.59
N ILE A 428 11.19 -14.64 -12.96
CA ILE A 428 10.43 -15.72 -12.36
C ILE A 428 10.89 -15.85 -10.91
N VAL A 429 9.96 -15.77 -9.98
CA VAL A 429 10.33 -15.81 -8.54
C VAL A 429 10.83 -17.22 -8.23
N GLY A 430 12.01 -17.31 -7.62
CA GLY A 430 12.52 -18.61 -7.26
C GLY A 430 13.40 -19.23 -8.33
N GLN A 431 13.78 -18.44 -9.35
CA GLN A 431 14.81 -18.79 -10.33
C GLN A 431 15.88 -17.72 -10.31
N LYS A 432 17.08 -18.10 -10.76
CA LYS A 432 18.17 -17.16 -10.95
C LYS A 432 17.74 -16.16 -12.03
N ARG A 433 18.15 -14.91 -11.87
CA ARG A 433 17.73 -13.89 -12.82
C ARG A 433 18.90 -13.59 -13.75
N SER A 434 18.72 -13.82 -15.05
CA SER A 434 19.82 -13.76 -16.01
C SER A 434 19.88 -12.41 -16.73
N HIS A 435 18.81 -11.62 -16.61
CA HIS A 435 18.74 -10.30 -17.29
C HIS A 435 17.73 -9.39 -16.61
N PHE A 436 17.93 -8.08 -16.73
CA PHE A 436 17.01 -7.09 -16.19
C PHE A 436 15.67 -7.09 -16.97
N SER A 437 14.56 -7.11 -16.22
CA SER A 437 13.22 -6.85 -16.74
C SER A 437 12.38 -6.19 -15.66
N TRP A 438 11.20 -5.65 -16.03
CA TRP A 438 10.30 -5.04 -15.08
C TRP A 438 8.92 -5.67 -15.20
N ARG A 439 8.35 -6.02 -14.03
CA ARG A 439 7.09 -6.75 -13.97
C ARG A 439 5.92 -5.80 -13.74
N PHE A 440 4.83 -6.02 -14.48
CA PHE A 440 3.62 -5.24 -14.34
C PHE A 440 2.46 -6.18 -14.05
N ALA A 441 1.60 -5.75 -13.12
CA ALA A 441 0.37 -6.45 -12.86
C ALA A 441 -0.77 -5.45 -12.94
N VAL A 442 -1.77 -5.76 -13.79
CA VAL A 442 -2.81 -4.80 -14.11
C VAL A 442 -4.13 -5.50 -13.88
N ASP A 443 -4.96 -4.89 -13.02
CA ASP A 443 -6.18 -5.54 -12.59
C ASP A 443 -7.36 -4.83 -13.26
N PHE A 444 -8.29 -5.62 -13.78
CA PHE A 444 -9.52 -5.10 -14.38
C PHE A 444 -10.74 -5.76 -13.75
N ALA A 445 -11.78 -4.96 -13.56
CA ALA A 445 -13.06 -5.43 -13.01
C ALA A 445 -14.21 -4.66 -13.67
N GLY A 446 -15.41 -5.25 -13.68
CA GLY A 446 -16.56 -4.65 -14.33
C GLY A 446 -16.86 -5.32 -15.67
N GLY A 447 -17.75 -4.67 -16.41
CA GLY A 447 -18.28 -5.22 -17.64
C GLY A 447 -18.71 -6.66 -17.45
N GLU A 448 -18.23 -7.59 -18.31
CA GLU A 448 -18.68 -8.97 -18.22
C GLU A 448 -17.58 -9.89 -17.65
N LEU A 449 -16.61 -9.33 -16.90
CA LEU A 449 -15.49 -10.15 -16.45
C LEU A 449 -15.90 -11.08 -15.30
N ALA A 450 -16.88 -10.69 -14.46
CA ALA A 450 -17.39 -11.59 -13.42
C ALA A 450 -17.84 -12.94 -14.01
N ALA A 451 -18.69 -12.91 -15.06
CA ALA A 451 -19.14 -14.12 -15.72
C ALA A 451 -18.00 -14.89 -16.39
N LEU A 452 -17.05 -14.16 -17.01
CA LEU A 452 -15.93 -14.84 -17.64
C LEU A 452 -15.05 -15.50 -16.57
N ALA A 453 -14.86 -14.83 -15.42
CA ALA A 453 -13.96 -15.35 -14.39
C ALA A 453 -14.49 -16.68 -13.83
N LYS A 454 -15.82 -16.85 -13.81
CA LYS A 454 -16.47 -18.06 -13.28
C LYS A 454 -16.57 -19.17 -14.33
N ASP A 455 -16.18 -18.90 -15.57
CA ASP A 455 -16.26 -19.89 -16.68
C ASP A 455 -14.89 -20.52 -16.91
N PRO A 456 -14.69 -21.81 -16.57
CA PRO A 456 -13.37 -22.45 -16.66
C PRO A 456 -12.90 -22.68 -18.10
N LYS A 457 -13.75 -22.45 -19.08
CA LYS A 457 -13.38 -22.61 -20.51
C LYS A 457 -13.10 -21.24 -21.12
N ALA A 458 -13.67 -20.16 -20.55
CA ALA A 458 -13.43 -18.80 -21.04
C ALA A 458 -11.98 -18.59 -21.47
N LYS A 459 -11.77 -18.06 -22.67
CA LYS A 459 -10.39 -17.73 -23.11
C LYS A 459 -10.27 -16.22 -23.25
N VAL A 460 -9.43 -15.60 -22.44
CA VAL A 460 -9.26 -14.12 -22.48
C VAL A 460 -7.85 -13.84 -22.97
N GLU A 461 -7.74 -12.95 -23.96
CA GLU A 461 -6.42 -12.62 -24.53
C GLU A 461 -5.91 -11.26 -24.08
N ALA A 462 -4.74 -11.22 -23.44
CA ALA A 462 -4.06 -9.95 -23.21
C ALA A 462 -3.49 -9.38 -24.51
N VAL A 463 -3.94 -8.21 -24.94
CA VAL A 463 -3.37 -7.57 -26.12
C VAL A 463 -2.38 -6.51 -25.68
N LEU A 464 -1.13 -6.67 -26.12
CA LEU A 464 0.02 -5.87 -25.72
C LEU A 464 0.68 -5.28 -26.95
N GLN A 465 0.99 -3.98 -26.93
CA GLN A 465 1.87 -3.36 -27.93
C GLN A 465 2.82 -2.43 -27.16
N VAL A 466 4.11 -2.51 -27.43
CA VAL A 466 5.10 -1.70 -26.71
C VAL A 466 5.82 -0.80 -27.73
N SER A 467 6.19 0.43 -27.33
CA SER A 467 6.86 1.34 -28.25
C SER A 467 8.21 0.76 -28.63
N ARG A 468 8.87 0.15 -27.65
CA ARG A 468 10.22 -0.46 -27.83
C ARG A 468 10.43 -1.51 -26.74
N GLY A 469 11.37 -2.44 -26.95
CA GLY A 469 11.71 -3.49 -26.02
C GLY A 469 10.80 -4.68 -26.24
N THR A 470 10.80 -5.63 -25.32
CA THR A 470 10.08 -6.87 -25.55
C THR A 470 9.40 -7.29 -24.26
N THR A 471 8.31 -8.04 -24.43
CA THR A 471 7.56 -8.54 -23.30
C THR A 471 7.80 -10.04 -23.22
N GLU A 472 7.71 -10.58 -22.00
CA GLU A 472 7.80 -12.02 -21.76
C GLU A 472 6.96 -12.37 -20.51
N ILE A 473 6.60 -13.65 -20.39
CA ILE A 473 5.85 -14.16 -19.26
C ILE A 473 4.54 -13.39 -19.14
N VAL A 474 3.79 -13.44 -20.24
CA VAL A 474 2.51 -12.77 -20.38
C VAL A 474 1.37 -13.70 -20.04
N SER A 475 0.44 -13.20 -19.22
CA SER A 475 -0.73 -13.96 -18.80
C SER A 475 -1.89 -13.01 -18.57
N ALA A 476 -3.07 -13.60 -18.73
CA ALA A 476 -4.34 -13.00 -18.41
C ALA A 476 -5.18 -14.08 -17.73
N ARG A 477 -5.53 -13.88 -16.47
CA ARG A 477 -6.16 -14.91 -15.68
C ARG A 477 -7.18 -14.28 -14.75
N PRO A 478 -8.18 -15.06 -14.37
CA PRO A 478 -9.19 -14.58 -13.42
C PRO A 478 -8.56 -14.15 -12.11
N LEU A 479 -9.12 -13.07 -11.56
CA LEU A 479 -8.73 -12.63 -10.23
C LEU A 479 -9.98 -12.73 -9.37
N HIS A 480 -10.25 -13.91 -8.85
CA HIS A 480 -11.54 -14.19 -8.17
C HIS A 480 -11.88 -13.19 -7.06
N GLU A 481 -10.88 -12.72 -6.34
CA GLU A 481 -11.10 -11.82 -5.22
C GLU A 481 -11.77 -10.53 -5.68
N LEU A 482 -11.56 -10.12 -6.92
CA LEU A 482 -12.19 -8.94 -7.50
C LEU A 482 -13.39 -9.29 -8.38
N LYS A 483 -13.58 -10.59 -8.69
CA LYS A 483 -14.47 -10.99 -9.79
C LYS A 483 -14.04 -10.31 -11.09
N GLY A 484 -12.73 -10.34 -11.38
CA GLY A 484 -12.18 -9.60 -12.49
C GLY A 484 -11.07 -10.41 -13.14
N TYR A 485 -10.16 -9.73 -13.81
CA TYR A 485 -9.04 -10.38 -14.48
C TYR A 485 -7.77 -9.61 -14.18
N ARG A 486 -6.65 -10.34 -14.13
CA ARG A 486 -5.36 -9.70 -13.97
C ARG A 486 -4.49 -10.05 -15.16
N ALA A 487 -3.85 -9.02 -15.72
CA ALA A 487 -2.82 -9.21 -16.72
C ALA A 487 -1.46 -8.97 -16.06
N MET A 488 -0.49 -9.81 -16.42
CA MET A 488 0.89 -9.69 -15.97
C MET A 488 1.83 -9.85 -17.16
N PHE A 489 2.89 -9.04 -17.16
CA PHE A 489 3.93 -9.20 -18.16
C PHE A 489 5.21 -8.60 -17.63
N ASP A 490 6.32 -9.14 -18.16
CA ASP A 490 7.63 -8.57 -17.94
C ASP A 490 8.09 -7.83 -19.19
N LEU A 491 8.68 -6.65 -18.96
CA LEU A 491 9.17 -5.76 -20.01
C LEU A 491 10.69 -5.68 -19.93
N VAL A 492 11.33 -6.05 -21.03
CA VAL A 492 12.78 -6.00 -21.16
C VAL A 492 13.13 -4.76 -21.98
N PRO A 493 13.79 -3.75 -21.41
CA PRO A 493 14.15 -2.56 -22.17
C PRO A 493 15.13 -2.97 -23.26
N PRO A 494 15.20 -2.28 -24.41
CA PRO A 494 16.03 -2.74 -25.53
C PRO A 494 17.51 -2.39 -25.41
N ASP A 495 17.86 -1.51 -24.46
CA ASP A 495 19.23 -1.02 -24.33
C ASP A 495 19.41 -0.55 -22.91
N GLU A 496 20.58 0.03 -22.62
CA GLU A 496 20.95 0.46 -21.28
C GLU A 496 20.40 1.86 -20.99
N GLY A 497 19.79 2.52 -21.99
CA GLY A 497 19.31 3.89 -21.85
C GLY A 497 17.98 3.99 -21.12
N THR A 498 17.53 5.24 -20.92
CA THR A 498 16.36 5.55 -20.11
C THR A 498 15.25 6.25 -20.92
N GLN A 499 15.24 6.08 -22.24
CA GLN A 499 14.15 6.58 -23.07
C GLN A 499 12.83 5.94 -22.65
N GLN A 500 11.80 6.77 -22.53
CA GLN A 500 10.46 6.33 -22.11
C GLN A 500 9.95 5.19 -23.00
N ILE A 501 9.31 4.18 -22.40
CA ILE A 501 8.70 3.07 -23.11
C ILE A 501 7.19 3.11 -22.86
N ASP A 502 6.42 3.08 -23.95
CA ASP A 502 4.96 3.09 -23.90
C ASP A 502 4.45 1.67 -24.06
N ILE A 503 3.49 1.30 -23.21
CA ILE A 503 2.83 0.01 -23.24
C ILE A 503 1.32 0.24 -23.33
N ARG A 504 0.71 -0.39 -24.35
CA ARG A 504 -0.74 -0.45 -24.53
C ARG A 504 -1.21 -1.87 -24.29
N LEU A 505 -2.24 -1.98 -23.44
CA LEU A 505 -2.78 -3.26 -22.98
C LEU A 505 -4.29 -3.15 -22.89
N PHE A 506 -5.00 -4.17 -23.41
CA PHE A 506 -6.40 -4.39 -23.09
C PHE A 506 -6.66 -5.87 -23.20
N LEU A 507 -7.81 -6.32 -22.66
CA LEU A 507 -8.20 -7.72 -22.75
C LEU A 507 -9.31 -7.91 -23.80
N ARG A 508 -9.37 -9.12 -24.34
CA ARG A 508 -10.35 -9.34 -25.43
C ARG A 508 -10.85 -10.77 -25.57
N ALA A 509 -12.05 -10.90 -26.10
CA ALA A 509 -12.62 -12.19 -26.54
C ALA A 509 -13.62 -11.95 -27.68
N ASN A 510 -13.60 -12.90 -28.65
CA ASN A 510 -14.61 -12.96 -29.71
C ASN A 510 -14.78 -11.61 -30.42
N GLY A 511 -13.69 -10.88 -30.69
CA GLY A 511 -13.81 -9.80 -31.66
C GLY A 511 -14.22 -8.48 -30.99
N LYS A 512 -14.31 -8.60 -29.64
CA LYS A 512 -14.66 -7.48 -28.79
C LYS A 512 -13.64 -7.36 -27.66
N PRO A 513 -13.24 -6.10 -27.39
CA PRO A 513 -12.45 -5.79 -26.21
C PRO A 513 -13.32 -6.05 -24.97
N LEU A 514 -12.72 -6.50 -23.85
CA LEU A 514 -13.44 -6.66 -22.58
C LEU A 514 -13.14 -5.51 -21.61
N THR A 515 -12.10 -4.72 -21.90
CA THR A 515 -11.64 -3.68 -21.00
C THR A 515 -11.36 -2.40 -21.79
N GLU A 516 -11.36 -1.28 -21.06
CA GLU A 516 -10.73 -0.06 -21.55
C GLU A 516 -9.25 -0.34 -21.79
N THR A 517 -8.58 0.60 -22.45
CA THR A 517 -7.17 0.46 -22.75
C THR A 517 -6.33 1.07 -21.64
N TRP A 518 -5.38 0.29 -21.13
CA TRP A 518 -4.37 0.73 -20.20
C TRP A 518 -3.14 1.16 -21.00
N LEU A 519 -2.78 2.42 -20.83
CA LEU A 519 -1.61 2.99 -21.48
C LEU A 519 -0.64 3.53 -20.42
N TYR A 520 0.51 2.89 -20.31
CA TYR A 520 1.48 3.21 -19.29
C TYR A 520 2.75 3.68 -19.99
N GLN A 521 3.38 4.70 -19.41
CA GLN A 521 4.62 5.23 -19.93
C GLN A 521 5.68 5.11 -18.84
N TRP A 522 6.68 4.27 -19.13
CA TRP A 522 7.69 3.85 -18.18
C TRP A 522 9.06 4.42 -18.53
N THR A 523 9.71 5.01 -17.54
CA THR A 523 11.08 5.48 -17.68
C THR A 523 12.02 4.42 -17.13
N PRO A 524 12.72 3.64 -17.96
CA PRO A 524 13.56 2.58 -17.44
C PRO A 524 14.63 3.16 -16.52
N PRO A 525 15.11 2.40 -15.53
CA PRO A 525 16.21 2.83 -14.68
C PRO A 525 17.51 2.82 -15.48
N PRO A 526 18.50 3.67 -15.09
CA PRO A 526 19.83 3.61 -15.72
C PRO A 526 20.54 2.31 -15.36
N ALA A 527 21.52 1.94 -16.20
CA ALA A 527 22.40 0.79 -16.00
C ALA A 527 22.87 0.64 -14.56
N SER A 528 23.27 1.75 -13.91
CA SER A 528 23.80 1.66 -12.55
C SER A 528 22.75 1.09 -11.58
N GLU A 529 21.50 1.51 -11.70
CA GLU A 529 20.44 0.98 -10.87
C GLU A 529 20.17 -0.49 -11.24
N ARG A 530 20.28 -0.82 -12.52
CA ARG A 530 19.99 -2.18 -12.92
C ARG A 530 20.98 -3.17 -12.27
N LYS A 531 22.23 -2.74 -12.08
CA LYS A 531 23.28 -3.58 -11.52
C LYS A 531 22.97 -3.96 -10.08
N ILE A 532 22.50 -3.01 -9.27
CA ILE A 532 22.05 -3.35 -7.88
C ILE A 532 21.05 -4.50 -7.94
N TYR A 533 20.08 -4.46 -8.86
CA TYR A 533 19.03 -5.51 -8.96
C TYR A 533 19.65 -6.88 -9.30
N LYS B 30 -8.73 -49.45 -3.85
CA LYS B 30 -8.62 -49.90 -2.44
C LYS B 30 -7.14 -49.91 -2.03
N ALA B 31 -6.84 -49.45 -0.82
CA ALA B 31 -5.43 -49.35 -0.38
C ALA B 31 -4.91 -50.70 0.07
N VAL B 32 -3.62 -50.96 -0.18
CA VAL B 32 -3.00 -52.25 0.21
C VAL B 32 -2.12 -52.04 1.45
N GLY B 33 -1.79 -53.12 2.15
CA GLY B 33 -0.87 -53.04 3.30
C GLY B 33 0.51 -52.61 2.83
N LEU B 34 1.31 -52.07 3.74
CA LEU B 34 2.62 -51.51 3.32
C LEU B 34 3.72 -52.55 3.52
N ARG B 35 4.73 -52.52 2.66
CA ARG B 35 5.87 -53.44 2.77
C ARG B 35 6.62 -53.15 4.08
N ARG B 36 6.88 -54.19 4.86
CA ARG B 36 7.52 -54.01 6.18
C ARG B 36 8.99 -54.43 6.12
N LEU B 37 9.69 -54.36 7.26
CA LEU B 37 11.11 -54.64 7.35
C LEU B 37 11.45 -55.01 8.79
N GLY B 38 11.92 -56.25 9.00
CA GLY B 38 12.12 -56.78 10.35
C GLY B 38 10.79 -57.16 10.99
N GLN B 39 10.81 -57.45 12.29
CA GLN B 39 9.56 -57.81 13.02
C GLN B 39 9.21 -56.71 14.02
N PRO B 40 7.94 -56.59 14.43
CA PRO B 40 7.57 -55.60 15.44
C PRO B 40 8.39 -55.74 16.71
N GLN B 41 8.85 -54.64 17.30
CA GLN B 41 9.53 -54.67 18.57
C GLN B 41 8.74 -53.82 19.56
N PRO B 42 8.75 -54.17 20.85
CA PRO B 42 8.11 -53.32 21.86
C PRO B 42 8.58 -51.87 21.71
N PHE B 43 7.68 -50.92 21.96
CA PHE B 43 8.01 -49.52 21.84
C PHE B 43 7.26 -48.73 22.90
N ASP B 44 7.95 -47.86 23.63
CA ASP B 44 7.25 -46.80 24.34
C ASP B 44 8.17 -45.57 24.42
N TYR B 45 7.71 -44.52 25.12
CA TYR B 45 8.43 -43.26 25.14
C TYR B 45 9.71 -43.45 25.94
N ALA B 46 9.65 -44.24 27.01
CA ALA B 46 10.81 -44.56 27.83
C ALA B 46 11.88 -45.27 26.99
N TRP B 47 11.46 -46.13 26.06
CA TRP B 47 12.42 -46.78 25.21
C TRP B 47 13.11 -45.76 24.30
N LEU B 48 12.32 -44.89 23.67
CA LEU B 48 12.87 -43.87 22.79
C LEU B 48 13.86 -42.96 23.50
N LYS B 49 13.50 -42.51 24.71
CA LYS B 49 14.38 -41.70 25.52
C LYS B 49 15.67 -42.45 25.77
N GLY B 50 15.55 -43.77 25.98
CA GLY B 50 16.69 -44.64 26.16
C GLY B 50 17.61 -44.67 24.95
N GLN B 51 17.04 -44.73 23.74
CA GLN B 51 17.84 -44.79 22.54
C GLN B 51 18.54 -43.42 22.36
N ALA B 52 17.84 -42.33 22.66
CA ALA B 52 18.38 -40.99 22.47
C ALA B 52 19.55 -40.79 23.41
N ARG B 53 19.40 -41.14 24.68
CA ARG B 53 20.49 -40.89 25.66
C ARG B 53 21.74 -41.71 25.31
N ALA B 54 21.55 -42.91 24.76
CA ALA B 54 22.71 -43.72 24.43
C ALA B 54 23.34 -43.13 23.17
N LEU B 55 22.52 -42.64 22.23
CA LEU B 55 23.09 -41.97 21.06
C LEU B 55 24.02 -40.84 21.53
N ALA B 56 23.55 -40.08 22.51
CA ALA B 56 24.29 -38.89 22.94
C ALA B 56 25.56 -39.25 23.71
N LYS B 57 25.62 -40.42 24.35
CA LYS B 57 26.80 -40.79 25.13
C LYS B 57 27.91 -41.28 24.19
N ALA B 58 27.58 -41.85 23.04
CA ALA B 58 28.55 -42.30 22.06
C ALA B 58 28.91 -41.15 21.11
N PRO B 59 30.05 -41.24 20.39
CA PRO B 59 30.42 -40.29 19.35
C PRO B 59 29.36 -40.21 18.25
N TYR B 60 29.11 -38.96 17.81
CA TYR B 60 28.16 -38.68 16.75
C TYR B 60 28.60 -39.39 15.49
N LYS B 61 27.67 -40.04 14.80
CA LYS B 61 27.95 -40.57 13.47
C LYS B 61 27.01 -39.87 12.50
N SER B 62 27.58 -39.38 11.41
CA SER B 62 26.82 -38.73 10.36
C SER B 62 25.74 -39.67 9.86
N HIS B 63 24.62 -39.06 9.45
CA HIS B 63 23.48 -39.82 8.90
C HIS B 63 23.28 -39.42 7.42
N LYS B 64 24.02 -38.40 6.95
CA LYS B 64 23.95 -38.02 5.52
C LYS B 64 24.55 -39.17 4.69
N GLN B 65 23.84 -39.59 3.67
CA GLN B 65 24.30 -40.76 2.88
C GLN B 65 24.41 -40.40 1.41
N VAL B 66 25.27 -41.11 0.67
CA VAL B 66 25.30 -40.93 -0.81
C VAL B 66 24.16 -41.80 -1.30
N LEU B 67 23.14 -41.19 -1.91
CA LEU B 67 21.93 -41.98 -2.27
C LEU B 67 22.20 -42.86 -3.50
N PRO B 68 21.92 -44.18 -3.42
CA PRO B 68 22.12 -45.09 -4.55
C PRO B 68 21.59 -44.47 -5.85
N LEU B 74 16.77 -33.66 -11.37
CA LEU B 74 16.79 -33.30 -9.94
C LEU B 74 16.47 -31.81 -9.74
N ASN B 75 15.88 -31.12 -10.72
CA ASN B 75 15.45 -29.76 -10.43
C ASN B 75 14.26 -29.75 -9.46
N TRP B 76 14.03 -28.58 -8.81
CA TRP B 76 12.91 -28.38 -7.89
C TRP B 76 11.60 -28.78 -8.57
N ASP B 77 11.41 -28.38 -9.82
CA ASP B 77 10.33 -28.84 -10.69
C ASP B 77 10.44 -30.35 -10.95
N GLN B 78 11.66 -30.80 -11.27
CA GLN B 78 11.91 -32.21 -11.68
C GLN B 78 11.72 -33.17 -10.52
N TYR B 79 11.77 -32.67 -9.29
CA TYR B 79 11.70 -33.59 -8.12
C TYR B 79 10.27 -34.11 -7.91
N GLN B 80 9.26 -33.46 -8.20
CA GLN B 80 7.87 -33.88 -7.87
C GLN B 80 7.32 -34.89 -8.88
N SER B 81 8.07 -35.13 -10.02
CA SER B 81 7.56 -36.27 -10.83
C SER B 81 7.24 -37.38 -9.86
N ILE B 82 8.00 -37.46 -8.76
CA ILE B 82 7.81 -38.55 -7.77
C ILE B 82 6.59 -38.20 -6.90
N ARG B 83 5.65 -39.13 -6.84
CA ARG B 83 4.42 -38.92 -6.06
C ARG B 83 4.09 -40.20 -5.30
N TYR B 84 4.05 -40.13 -3.98
CA TYR B 84 3.62 -41.29 -3.21
C TYR B 84 2.15 -41.56 -3.50
N ARG B 85 1.82 -42.83 -3.71
CA ARG B 85 0.46 -43.21 -4.14
C ARG B 85 -0.51 -43.49 -2.98
N GLN B 86 -1.78 -43.17 -3.19
CA GLN B 86 -2.82 -43.34 -2.13
C GLN B 86 -3.07 -44.82 -1.86
N ASP B 87 -2.95 -45.65 -2.90
CA ASP B 87 -3.14 -47.11 -2.74
C ASP B 87 -2.15 -47.64 -1.71
N HIS B 88 -1.06 -46.89 -1.48
CA HIS B 88 -0.03 -47.33 -0.53
C HIS B 88 0.05 -46.45 0.73
N ALA B 89 -0.97 -45.61 0.95
CA ALA B 89 -0.96 -44.72 2.09
C ALA B 89 -1.22 -45.51 3.36
N LEU B 90 -0.42 -45.23 4.39
CA LEU B 90 -0.51 -45.88 5.67
C LEU B 90 -1.85 -45.56 6.34
N TRP B 91 -2.50 -46.64 6.81
CA TRP B 91 -3.78 -46.68 7.51
C TRP B 91 -4.97 -46.52 6.55
N ALA B 92 -4.72 -46.35 5.24
CA ALA B 92 -5.80 -46.18 4.26
C ALA B 92 -6.61 -47.48 4.03
N ASP B 93 -6.11 -48.62 4.55
CA ASP B 93 -6.79 -49.91 4.48
C ASP B 93 -7.52 -50.21 5.79
N GLY B 94 -7.55 -49.27 6.74
CA GLY B 94 -8.24 -49.45 8.02
C GLY B 94 -9.50 -48.58 8.06
N ASN B 95 -10.04 -48.35 9.26
CA ASN B 95 -11.31 -47.66 9.41
C ASN B 95 -11.19 -46.42 10.28
N GLY B 96 -10.02 -45.76 10.27
CA GLY B 96 -9.75 -44.60 11.14
C GLY B 96 -9.98 -43.29 10.39
N LYS B 97 -9.72 -42.17 11.04
CA LYS B 97 -10.00 -40.89 10.38
C LYS B 97 -8.79 -40.36 9.61
N PHE B 98 -7.60 -40.98 9.75
CA PHE B 98 -6.35 -40.39 9.28
C PHE B 98 -5.51 -41.38 8.47
N GLN B 99 -4.56 -40.85 7.71
CA GLN B 99 -3.57 -41.67 7.03
C GLN B 99 -2.27 -40.87 6.88
N ALA B 100 -1.19 -41.56 6.46
CA ALA B 100 0.09 -40.96 6.17
C ALA B 100 0.59 -41.37 4.79
N LYS B 101 1.33 -40.46 4.14
CA LYS B 101 2.13 -40.76 2.96
C LYS B 101 3.50 -40.13 3.17
N PHE B 102 4.48 -40.48 2.32
CA PHE B 102 5.88 -40.29 2.61
C PHE B 102 6.58 -39.54 1.48
N PHE B 103 7.58 -38.75 1.87
CA PHE B 103 8.37 -37.96 0.93
C PHE B 103 9.59 -38.77 0.57
N HIS B 104 9.94 -38.64 -0.70
CA HIS B 104 11.08 -39.39 -1.24
C HIS B 104 12.36 -38.62 -1.00
N LEU B 105 13.39 -39.38 -0.74
CA LEU B 105 14.73 -38.77 -0.54
C LEU B 105 15.21 -38.21 -1.88
N GLY B 106 15.77 -37.01 -1.86
CA GLY B 106 16.22 -36.39 -3.11
C GLY B 106 16.32 -34.89 -2.97
N LEU B 107 16.84 -34.22 -3.99
CA LEU B 107 16.92 -32.74 -3.96
C LEU B 107 17.57 -32.33 -2.66
N TYR B 108 16.88 -31.52 -1.86
CA TYR B 108 17.41 -31.07 -0.57
C TYR B 108 17.45 -32.18 0.48
N PHE B 109 17.14 -33.45 0.14
CA PHE B 109 17.04 -34.45 1.22
C PHE B 109 18.00 -35.63 1.02
N HIS B 110 19.09 -35.63 1.77
CA HIS B 110 20.10 -36.72 1.66
C HIS B 110 20.34 -37.38 3.02
N THR B 111 19.48 -37.11 4.01
CA THR B 111 19.60 -37.79 5.27
C THR B 111 18.40 -38.73 5.45
N PRO B 112 18.58 -40.06 5.25
CA PRO B 112 17.46 -40.99 5.43
C PRO B 112 16.77 -40.91 6.79
N VAL B 113 15.46 -40.92 6.75
CA VAL B 113 14.58 -41.01 7.90
C VAL B 113 13.91 -42.38 7.87
N HIS B 114 14.11 -43.15 8.92
CA HIS B 114 13.47 -44.45 9.07
C HIS B 114 12.08 -44.26 9.68
N ILE B 115 11.10 -44.81 8.97
CA ILE B 115 9.69 -44.63 9.39
C ILE B 115 9.11 -45.95 9.89
N TYR B 116 8.40 -45.90 10.98
CA TYR B 116 7.81 -47.03 11.65
C TYR B 116 6.33 -46.80 11.94
N ASP B 117 5.58 -47.91 12.01
CA ASP B 117 4.17 -47.96 12.37
C ASP B 117 4.07 -48.61 13.74
N ILE B 118 3.37 -47.99 14.69
CA ILE B 118 3.18 -48.57 16.02
C ILE B 118 1.76 -49.14 16.07
N VAL B 119 1.68 -50.44 16.44
CA VAL B 119 0.45 -51.23 16.52
C VAL B 119 0.54 -52.14 17.75
N ASP B 120 -0.42 -51.95 18.66
CA ASP B 120 -0.47 -52.64 19.94
C ASP B 120 0.90 -52.61 20.61
N GLY B 121 1.43 -51.39 20.76
CA GLY B 121 2.59 -51.20 21.61
C GLY B 121 3.86 -51.67 20.93
N LYS B 122 3.82 -51.95 19.62
CA LYS B 122 4.99 -52.51 18.96
C LYS B 122 5.25 -51.74 17.67
N ALA B 123 6.51 -51.36 17.48
CA ALA B 123 6.96 -50.66 16.29
C ALA B 123 7.50 -51.63 15.27
N GLN B 124 7.16 -51.37 14.02
CA GLN B 124 7.59 -52.14 12.90
C GLN B 124 8.05 -51.18 11.82
N GLN B 125 9.27 -51.34 11.30
CA GLN B 125 9.76 -50.41 10.30
C GLN B 125 9.03 -50.64 8.98
N LEU B 126 8.73 -49.55 8.26
CA LEU B 126 8.21 -49.59 6.91
C LEU B 126 9.36 -49.62 5.90
N ALA B 127 9.28 -50.53 4.93
CA ALA B 127 10.34 -50.67 3.94
C ALA B 127 10.15 -49.60 2.89
N TYR B 128 11.24 -49.25 2.25
CA TYR B 128 11.15 -48.55 0.99
C TYR B 128 10.60 -49.53 -0.05
N ASP B 129 9.52 -49.11 -0.71
CA ASP B 129 8.79 -49.92 -1.66
C ASP B 129 8.59 -49.11 -2.94
N PRO B 130 9.14 -49.54 -4.10
CA PRO B 130 8.92 -48.81 -5.35
C PRO B 130 7.47 -48.90 -5.83
N ALA B 131 6.76 -49.95 -5.41
CA ALA B 131 5.34 -50.08 -5.68
C ALA B 131 4.54 -48.88 -5.13
N ALA B 132 5.12 -48.06 -4.26
CA ALA B 132 4.36 -47.01 -3.58
C ALA B 132 4.55 -45.65 -4.25
N PHE B 133 5.53 -45.54 -5.16
CA PHE B 133 5.77 -44.28 -5.83
C PHE B 133 5.34 -44.36 -7.29
N ASP B 134 5.10 -43.17 -7.88
CA ASP B 134 5.01 -42.97 -9.32
C ASP B 134 6.21 -42.13 -9.69
N TYR B 135 7.16 -42.77 -10.39
CA TYR B 135 8.36 -42.10 -10.83
C TYR B 135 8.05 -41.40 -12.16
N LEU B 145 16.80 -50.07 -5.76
CA LEU B 145 16.89 -49.23 -4.52
C LEU B 145 16.53 -50.12 -3.34
N PRO B 146 17.38 -50.19 -2.28
CA PRO B 146 17.21 -51.16 -1.21
C PRO B 146 15.97 -50.92 -0.34
N LYS B 147 15.48 -51.99 0.29
CA LYS B 147 14.34 -51.97 1.20
C LYS B 147 14.55 -51.00 2.37
N ASP B 148 15.82 -50.73 2.73
CA ASP B 148 16.17 -49.94 3.90
C ASP B 148 16.68 -48.54 3.50
N LEU B 149 16.34 -48.05 2.29
CA LEU B 149 16.80 -46.77 1.79
C LEU B 149 16.31 -45.62 2.68
N GLY B 150 15.12 -45.78 3.24
CA GLY B 150 14.48 -44.74 4.02
C GLY B 150 13.79 -43.69 3.15
N PHE B 151 13.23 -42.70 3.87
CA PHE B 151 12.38 -41.66 3.33
C PHE B 151 12.90 -40.29 3.78
N ALA B 152 12.26 -39.22 3.30
CA ALA B 152 12.67 -37.88 3.68
C ALA B 152 11.74 -37.35 4.78
N GLY B 153 10.59 -37.97 5.00
CA GLY B 153 9.62 -37.43 5.94
C GLY B 153 8.20 -37.93 5.64
N PHE B 154 7.21 -37.36 6.31
CA PHE B 154 5.85 -37.82 6.10
C PHE B 154 4.88 -36.63 6.14
N ARG B 155 3.67 -36.85 5.58
CA ARG B 155 2.56 -35.92 5.68
C ARG B 155 1.31 -36.69 6.11
N LEU B 156 0.40 -35.99 6.77
CA LEU B 156 -0.80 -36.60 7.31
C LEU B 156 -2.01 -36.00 6.62
N ASN B 157 -2.96 -36.97 6.38
CA ASN B 157 -4.22 -36.54 5.75
C ASN B 157 -5.40 -37.20 6.43
N THR B 158 -6.57 -36.45 6.48
CA THR B 158 -7.81 -37.12 6.85
C THR B 158 -8.14 -38.16 5.77
N ARG B 159 -8.95 -39.16 6.10
CA ARG B 159 -9.44 -40.07 5.08
C ARG B 159 -10.36 -39.34 4.07
N LYS B 160 -11.09 -38.30 4.52
CA LYS B 160 -12.02 -37.58 3.66
C LYS B 160 -11.29 -36.74 2.60
N ASP B 161 -10.10 -36.21 2.88
CA ASP B 161 -9.46 -35.35 1.88
C ASP B 161 -8.01 -35.81 1.71
N THR B 162 -7.81 -36.77 0.83
CA THR B 162 -6.54 -37.48 0.84
C THR B 162 -5.47 -36.68 0.12
N ASP B 163 -5.84 -35.57 -0.54
CA ASP B 163 -4.83 -34.74 -1.18
C ASP B 163 -4.44 -33.53 -0.32
N ARG B 164 -5.32 -33.10 0.59
CA ARG B 164 -5.04 -32.06 1.57
C ARG B 164 -4.18 -32.62 2.68
N ASP B 165 -3.00 -32.03 2.91
CA ASP B 165 -2.26 -32.47 4.07
C ASP B 165 -2.32 -31.35 5.13
N PHE B 166 -2.58 -31.76 6.37
CA PHE B 166 -2.70 -30.81 7.47
C PHE B 166 -1.41 -30.74 8.30
N SER B 167 -0.49 -31.70 8.13
CA SER B 167 0.85 -31.60 8.69
C SER B 167 1.82 -32.31 7.77
N ALA B 168 3.07 -31.85 7.81
CA ALA B 168 4.14 -32.37 7.00
C ALA B 168 5.46 -32.13 7.73
N PHE B 169 6.20 -33.22 7.90
CA PHE B 169 7.45 -33.28 8.60
C PHE B 169 8.51 -33.63 7.56
N LEU B 170 9.44 -32.71 7.30
CA LEU B 170 10.31 -32.81 6.13
C LEU B 170 11.49 -31.86 6.29
N GLY B 171 12.70 -32.44 6.25
CA GLY B 171 13.93 -31.68 6.22
C GLY B 171 14.45 -31.40 7.64
N ALA B 172 15.66 -31.90 7.88
CA ALA B 172 16.30 -31.72 9.17
C ALA B 172 15.31 -32.08 10.30
N SER B 173 15.03 -31.13 11.20
CA SER B 173 14.08 -31.32 12.27
C SER B 173 12.85 -30.42 12.04
N TYR B 174 12.62 -30.00 10.79
CA TYR B 174 11.56 -29.05 10.47
C TYR B 174 10.22 -29.77 10.24
N PHE B 175 9.15 -29.05 10.57
CA PHE B 175 7.81 -29.55 10.34
C PHE B 175 6.87 -28.35 10.25
N ARG B 176 5.72 -28.57 9.62
CA ARG B 176 4.74 -27.55 9.37
C ARG B 176 3.36 -28.16 9.55
N ALA B 177 2.40 -27.27 9.84
CA ALA B 177 0.99 -27.63 9.88
C ALA B 177 0.19 -26.43 9.46
N VAL B 178 -1.09 -26.70 9.18
CA VAL B 178 -2.03 -25.68 8.81
C VAL B 178 -3.32 -25.93 9.57
N GLY B 179 -4.06 -24.85 9.76
CA GLY B 179 -5.42 -24.97 10.23
C GLY B 179 -6.38 -24.95 9.06
N LYS B 180 -7.60 -24.48 9.35
CA LYS B 180 -8.76 -24.56 8.46
C LYS B 180 -8.44 -24.08 7.03
N GLU B 181 -7.75 -22.94 6.84
CA GLU B 181 -7.55 -22.38 5.50
C GLU B 181 -6.59 -23.21 4.62
N GLY B 182 -5.78 -24.07 5.23
CA GLY B 182 -5.07 -25.12 4.52
C GLY B 182 -3.79 -24.65 3.81
N GLN B 183 -3.41 -23.37 3.98
CA GLN B 183 -2.31 -22.79 3.22
C GLN B 183 -1.07 -22.82 4.08
N TYR B 184 -0.07 -23.57 3.60
CA TYR B 184 1.17 -23.71 4.33
C TYR B 184 1.93 -22.38 4.42
N GLY B 185 2.66 -22.21 5.51
CA GLY B 185 3.43 -21.00 5.70
C GLY B 185 4.70 -21.24 6.48
N GLN B 186 4.78 -20.63 7.67
CA GLN B 186 6.01 -20.74 8.46
C GLN B 186 6.20 -22.18 8.94
N SER B 187 7.40 -22.43 9.48
CA SER B 187 7.76 -23.75 9.96
C SER B 187 8.04 -23.72 11.46
N ALA B 188 8.00 -24.91 12.07
CA ALA B 188 8.59 -25.16 13.38
C ALA B 188 9.80 -26.07 13.17
N ARG B 189 10.66 -26.13 14.19
CA ARG B 189 11.70 -27.15 14.24
C ARG B 189 11.68 -27.86 15.59
N GLY B 190 12.25 -29.05 15.57
CA GLY B 190 12.49 -29.78 16.80
C GLY B 190 13.35 -28.97 17.76
N LEU B 191 14.37 -28.34 17.18
CA LEU B 191 15.41 -27.71 17.95
C LEU B 191 16.23 -26.79 17.03
N ALA B 192 16.67 -25.66 17.59
CA ALA B 192 17.67 -24.81 16.98
C ALA B 192 18.94 -24.84 17.84
N ILE B 193 20.09 -24.82 17.16
CA ILE B 193 21.38 -24.77 17.85
C ILE B 193 22.31 -23.76 17.21
N ASP B 194 22.73 -22.76 17.98
CA ASP B 194 23.72 -21.80 17.53
C ASP B 194 23.23 -21.00 16.32
N THR B 195 21.97 -20.60 16.38
CA THR B 195 21.35 -19.74 15.40
C THR B 195 21.75 -18.28 15.67
N GLY B 196 22.15 -17.60 14.59
CA GLY B 196 22.42 -16.18 14.61
C GLY B 196 23.61 -15.82 15.49
N THR B 197 24.65 -16.67 15.54
CA THR B 197 25.78 -16.41 16.43
C THR B 197 26.88 -15.60 15.74
N GLY B 198 26.82 -15.50 14.40
CA GLY B 198 27.93 -15.02 13.61
C GLY B 198 28.88 -16.15 13.20
N GLY B 199 28.72 -17.32 13.82
CA GLY B 199 29.38 -18.52 13.36
C GLY B 199 28.41 -19.48 12.66
N PRO B 200 28.86 -20.72 12.35
CA PRO B 200 28.04 -21.67 11.63
C PRO B 200 26.95 -22.25 12.53
N GLU B 201 25.74 -22.37 11.97
CA GLU B 201 24.61 -22.97 12.65
C GLU B 201 24.72 -24.50 12.55
N GLU B 202 24.28 -25.20 13.58
CA GLU B 202 24.15 -26.65 13.55
C GLU B 202 22.66 -26.99 13.47
N PHE B 203 22.28 -27.83 12.48
CA PHE B 203 20.89 -28.21 12.24
C PHE B 203 20.65 -29.67 12.59
N PRO B 204 19.91 -29.95 13.71
CA PRO B 204 19.51 -31.31 14.07
C PRO B 204 18.67 -31.96 12.98
N ASP B 205 18.70 -33.30 12.96
CA ASP B 205 17.85 -34.09 12.08
C ASP B 205 16.93 -34.95 12.93
N PHE B 206 15.66 -35.04 12.51
CA PHE B 206 14.89 -36.20 12.89
C PHE B 206 15.32 -37.35 11.99
N ILE B 207 15.88 -38.40 12.60
CA ILE B 207 16.37 -39.55 11.85
C ILE B 207 15.37 -40.72 11.90
N ALA B 208 14.39 -40.67 12.78
CA ALA B 208 13.31 -41.66 12.72
C ALA B 208 12.03 -41.07 13.28
N TYR B 209 10.91 -41.51 12.69
CA TYR B 209 9.56 -41.20 13.14
C TYR B 209 8.78 -42.51 13.34
N TYR B 210 8.10 -42.60 14.48
CA TYR B 210 7.26 -43.76 14.78
C TYR B 210 5.82 -43.26 14.86
N LEU B 211 5.02 -43.60 13.84
CA LEU B 211 3.63 -43.19 13.75
C LEU B 211 2.74 -44.21 14.46
N GLU B 212 2.04 -43.77 15.51
CA GLU B 212 1.12 -44.61 16.26
C GLU B 212 -0.27 -44.62 15.59
N GLN B 213 -0.62 -45.79 15.02
CA GLN B 213 -1.96 -46.06 14.52
C GLN B 213 -2.99 -45.62 15.55
N PRO B 214 -3.83 -44.63 15.22
CA PRO B 214 -4.86 -44.18 16.17
C PRO B 214 -6.02 -45.19 16.31
N ALA B 215 -6.71 -45.18 17.44
CA ALA B 215 -8.03 -45.84 17.48
C ALA B 215 -8.93 -45.24 16.40
N ASP B 216 -9.95 -46.03 16.00
CA ASP B 216 -10.75 -45.72 14.83
C ASP B 216 -11.53 -44.42 15.01
N ASP B 217 -11.89 -44.11 16.26
CA ASP B 217 -12.66 -42.93 16.59
C ASP B 217 -11.77 -41.83 17.19
N SER B 218 -10.44 -41.99 17.21
CA SER B 218 -9.57 -40.94 17.73
C SER B 218 -9.50 -39.77 16.75
N ASP B 219 -9.51 -38.57 17.32
CA ASP B 219 -9.22 -37.33 16.59
C ASP B 219 -7.72 -36.93 16.60
N THR B 220 -6.84 -37.74 17.23
CA THR B 220 -5.43 -37.44 17.42
C THR B 220 -4.55 -38.44 16.67
N VAL B 221 -3.46 -37.94 16.05
CA VAL B 221 -2.34 -38.78 15.63
C VAL B 221 -1.12 -38.50 16.53
N VAL B 222 -0.59 -39.53 17.18
CA VAL B 222 0.63 -39.44 17.96
C VAL B 222 1.79 -39.89 17.09
N VAL B 223 2.82 -39.04 16.99
CA VAL B 223 4.05 -39.34 16.26
C VAL B 223 5.20 -39.11 17.22
N TYR B 224 6.11 -40.10 17.25
CA TYR B 224 7.32 -40.01 18.04
C TYR B 224 8.48 -39.76 17.07
N GLY B 225 9.46 -38.98 17.54
CA GLY B 225 10.62 -38.62 16.75
C GLY B 225 11.92 -38.83 17.52
N LEU B 226 12.92 -39.38 16.83
CA LEU B 226 14.28 -39.51 17.34
C LEU B 226 15.14 -38.47 16.62
N LEU B 227 15.70 -37.57 17.41
CA LEU B 227 16.49 -36.45 16.92
C LEU B 227 17.96 -36.71 17.23
N ASP B 228 18.84 -36.43 16.27
CA ASP B 228 20.27 -36.49 16.51
C ASP B 228 20.93 -35.33 15.77
N SER B 229 22.03 -34.91 16.33
CA SER B 229 22.71 -33.70 15.90
C SER B 229 24.08 -33.75 16.56
N PRO B 230 25.15 -33.15 15.99
CA PRO B 230 26.43 -33.17 16.67
C PRO B 230 26.36 -32.90 18.17
N SER B 231 25.60 -31.91 18.60
CA SER B 231 25.65 -31.45 19.97
C SER B 231 24.69 -32.19 20.88
N VAL B 232 23.72 -32.95 20.32
CA VAL B 232 22.55 -33.31 21.12
C VAL B 232 21.71 -34.40 20.43
N SER B 233 21.14 -35.30 21.25
CA SER B 233 20.15 -36.27 20.80
C SER B 233 18.86 -36.01 21.55
N GLY B 234 17.72 -36.42 20.99
CA GLY B 234 16.46 -36.18 21.65
C GLY B 234 15.38 -37.22 21.32
N ALA B 235 14.43 -37.33 22.25
CA ALA B 235 13.24 -38.14 22.04
C ALA B 235 12.01 -37.26 22.14
N TYR B 236 11.20 -37.24 21.06
CA TYR B 236 10.04 -36.37 20.98
C TYR B 236 8.77 -37.18 20.86
N ARG B 237 7.70 -36.59 21.39
CA ARG B 237 6.37 -37.11 21.26
C ARG B 237 5.49 -35.93 20.85
N PHE B 238 4.79 -36.12 19.70
CA PHE B 238 3.93 -35.15 19.10
C PHE B 238 2.51 -35.71 19.07
N ALA B 239 1.63 -35.19 19.93
CA ALA B 239 0.20 -35.49 19.86
C ALA B 239 -0.48 -34.43 18.99
N ILE B 240 -0.84 -34.83 17.77
CA ILE B 240 -1.36 -33.94 16.75
C ILE B 240 -2.88 -34.10 16.59
N THR B 241 -3.61 -33.00 16.87
CA THR B 241 -5.06 -32.96 16.83
C THR B 241 -5.45 -31.92 15.78
N ASN B 242 -5.73 -32.40 14.57
CA ASN B 242 -6.26 -31.58 13.49
C ASN B 242 -7.54 -30.85 13.94
N GLY B 243 -7.74 -29.66 13.38
CA GLY B 243 -8.91 -28.86 13.68
C GLY B 243 -8.82 -27.52 12.99
N GLU B 244 -9.71 -26.62 13.36
CA GLU B 244 -9.77 -25.32 12.69
C GLU B 244 -8.47 -24.58 12.99
N VAL B 245 -8.06 -24.70 14.27
CA VAL B 245 -6.72 -24.40 14.74
C VAL B 245 -6.09 -25.72 15.21
N LEU B 246 -5.07 -26.18 14.52
CA LEU B 246 -4.45 -27.46 14.79
C LEU B 246 -3.53 -27.31 16.00
N VAL B 247 -3.61 -28.31 16.91
CA VAL B 247 -2.82 -28.33 18.12
C VAL B 247 -1.84 -29.52 18.06
N MET B 248 -0.63 -29.26 18.52
CA MET B 248 0.35 -30.28 18.81
C MET B 248 0.71 -30.13 20.28
N ASP B 249 0.48 -31.21 21.05
CA ASP B 249 1.00 -31.36 22.38
C ASP B 249 2.33 -32.11 22.31
N ILE B 250 3.43 -31.44 22.69
CA ILE B 250 4.75 -32.00 22.42
C ILE B 250 5.48 -32.24 23.74
N ASP B 251 6.09 -33.42 23.86
CA ASP B 251 7.04 -33.63 24.94
C ASP B 251 8.42 -33.87 24.33
N SER B 252 9.46 -33.28 24.92
CA SER B 252 10.80 -33.54 24.42
C SER B 252 11.75 -33.88 25.56
N ALA B 253 12.67 -34.79 25.25
CA ALA B 253 13.71 -35.17 26.20
C ALA B 253 15.04 -35.10 25.48
N LEU B 254 15.89 -34.18 25.95
CA LEU B 254 17.13 -33.79 25.28
C LEU B 254 18.32 -34.27 26.11
N TYR B 255 19.30 -34.82 25.39
CA TYR B 255 20.52 -35.40 25.98
C TYR B 255 21.72 -34.74 25.33
N PRO B 256 22.32 -33.68 25.89
CA PRO B 256 23.47 -33.06 25.23
C PRO B 256 24.65 -34.05 25.14
N ARG B 257 25.26 -34.16 23.96
CA ARG B 257 26.51 -34.89 23.79
C ARG B 257 27.69 -34.04 24.25
N LYS B 258 27.55 -32.72 24.14
CA LYS B 258 28.57 -31.78 24.60
C LYS B 258 27.90 -30.50 25.04
N ALA B 259 28.71 -29.55 25.58
CA ALA B 259 28.16 -28.29 26.05
C ALA B 259 27.57 -27.56 24.84
N ILE B 260 26.48 -26.83 25.06
CA ILE B 260 25.85 -26.13 23.95
C ILE B 260 25.81 -24.65 24.28
N GLU B 261 26.20 -23.84 23.31
CA GLU B 261 26.38 -22.40 23.47
C GLU B 261 25.01 -21.70 23.40
N ARG B 262 24.19 -22.01 22.40
CA ARG B 262 22.86 -21.42 22.24
C ARG B 262 21.81 -22.46 21.85
N LEU B 263 21.12 -22.98 22.88
CA LEU B 263 20.01 -23.89 22.71
C LEU B 263 18.78 -23.07 22.41
N GLY B 264 18.05 -23.49 21.37
CA GLY B 264 16.78 -22.89 21.03
C GLY B 264 15.63 -23.90 21.08
N ILE B 265 14.68 -23.66 21.99
CA ILE B 265 13.54 -24.52 22.24
C ILE B 265 12.31 -23.91 21.58
N GLY B 266 11.43 -24.76 21.02
CA GLY B 266 10.21 -24.29 20.36
C GLY B 266 10.44 -23.30 19.23
N PRO B 267 11.45 -23.52 18.38
CA PRO B 267 11.74 -22.60 17.28
C PRO B 267 10.64 -22.45 16.24
N CYS B 268 10.33 -21.18 15.97
CA CYS B 268 9.47 -20.74 14.88
C CYS B 268 10.36 -20.16 13.77
N THR B 269 10.14 -20.58 12.51
CA THR B 269 11.02 -20.20 11.42
C THR B 269 10.16 -19.69 10.29
N SER B 270 10.34 -18.43 9.94
CA SER B 270 9.42 -17.76 9.06
C SER B 270 10.24 -16.97 8.05
N MET B 271 9.57 -16.01 7.40
CA MET B 271 10.19 -15.20 6.34
C MET B 271 9.49 -13.85 6.39
N TYR B 272 10.26 -12.78 6.23
CA TYR B 272 9.73 -11.42 6.10
C TYR B 272 10.58 -10.68 5.07
N GLN B 273 10.02 -10.47 3.86
CA GLN B 273 10.76 -9.77 2.83
C GLN B 273 10.45 -8.28 2.85
N THR B 274 9.17 -7.92 2.83
CA THR B 274 8.80 -6.52 2.76
C THR B 274 7.37 -6.36 3.26
N GLY B 275 7.03 -5.14 3.67
CA GLY B 275 5.69 -4.75 4.07
C GLY B 275 5.76 -3.40 4.82
N GLU B 276 4.62 -2.96 5.35
CA GLU B 276 4.53 -1.67 6.01
C GLU B 276 5.54 -1.60 7.18
N ASN B 277 5.83 -2.69 7.84
CA ASN B 277 6.77 -2.65 8.98
C ASN B 277 8.15 -2.19 8.52
N ASP B 278 8.50 -2.47 7.27
CA ASP B 278 9.84 -2.28 6.80
C ASP B 278 9.85 -2.44 5.28
N ARG B 279 9.95 -1.32 4.59
CA ARG B 279 9.89 -1.33 3.11
C ARG B 279 11.30 -1.19 2.51
N ARG B 280 12.35 -1.51 3.28
CA ARG B 280 13.71 -1.40 2.78
C ARG B 280 13.84 -2.18 1.48
N MET B 281 13.34 -3.40 1.43
CA MET B 281 13.42 -4.19 0.21
C MET B 281 12.07 -4.20 -0.52
N ASP B 282 11.74 -3.08 -1.14
CA ASP B 282 10.45 -2.90 -1.88
C ASP B 282 10.59 -3.12 -3.38
N TRP B 283 11.28 -4.17 -3.79
CA TRP B 283 11.53 -4.37 -5.21
C TRP B 283 10.30 -4.91 -5.93
N ASP B 284 9.41 -5.55 -5.19
CA ASP B 284 8.39 -6.40 -5.77
C ASP B 284 7.13 -5.57 -5.99
N TRP B 285 6.31 -6.01 -6.95
CA TRP B 285 5.01 -5.39 -7.16
C TRP B 285 4.06 -5.68 -6.01
N ARG B 286 4.28 -6.79 -5.31
CA ARG B 286 3.41 -7.18 -4.21
C ARG B 286 3.83 -6.37 -2.99
N PRO B 287 2.91 -5.65 -2.34
CA PRO B 287 3.31 -4.74 -1.27
C PRO B 287 3.63 -5.40 0.10
N GLU B 288 3.08 -6.60 0.36
CA GLU B 288 3.37 -7.35 1.57
C GLU B 288 3.81 -8.74 1.15
N ILE B 289 5.01 -9.13 1.57
CA ILE B 289 5.57 -10.44 1.33
C ILE B 289 6.23 -10.90 2.61
N HIS B 290 5.58 -11.84 3.28
CA HIS B 290 6.06 -12.37 4.58
C HIS B 290 5.16 -13.53 5.00
N ASP B 291 5.72 -14.53 5.67
CA ASP B 291 4.89 -15.60 6.22
C ASP B 291 4.29 -15.20 7.58
N THR B 292 4.89 -14.20 8.24
CA THR B 292 4.47 -13.67 9.52
C THR B 292 4.86 -12.20 9.58
N ASP B 293 4.15 -11.38 10.36
CA ASP B 293 4.47 -9.96 10.42
C ASP B 293 4.89 -9.52 11.83
N GLY B 294 4.77 -10.36 12.87
CA GLY B 294 5.20 -9.95 14.20
C GLY B 294 5.58 -11.12 15.11
N LEU B 295 6.47 -10.84 16.06
CA LEU B 295 6.71 -11.67 17.21
C LEU B 295 5.79 -11.21 18.33
N ALA B 296 4.99 -12.14 18.83
CA ALA B 296 4.12 -11.88 19.98
C ALA B 296 4.69 -12.64 21.18
N MET B 297 4.61 -11.99 22.34
CA MET B 297 5.09 -12.59 23.59
C MET B 297 4.12 -12.29 24.71
N TRP B 298 3.79 -13.31 25.49
CA TRP B 298 3.08 -13.12 26.75
C TRP B 298 4.05 -13.44 27.87
N THR B 299 4.51 -12.40 28.59
CA THR B 299 5.66 -12.58 29.47
C THR B 299 5.20 -13.23 30.78
N GLY B 300 6.15 -13.77 31.54
CA GLY B 300 5.89 -14.32 32.86
C GLY B 300 5.18 -13.32 33.77
N GLY B 301 5.51 -12.04 33.66
CA GLY B 301 4.81 -11.01 34.41
C GLY B 301 3.44 -10.61 33.87
N GLY B 302 3.00 -11.19 32.76
CA GLY B 302 1.68 -10.88 32.24
C GLY B 302 1.62 -9.73 31.21
N GLU B 303 2.76 -9.33 30.65
CA GLU B 303 2.76 -8.29 29.63
C GLU B 303 2.56 -8.91 28.25
N TRP B 304 1.76 -8.22 27.42
CA TRP B 304 1.59 -8.59 26.02
C TRP B 304 2.43 -7.63 25.19
N ILE B 305 3.31 -8.19 24.37
CA ILE B 305 4.24 -7.46 23.53
C ILE B 305 4.00 -7.89 22.07
N TRP B 306 3.92 -6.89 21.17
CA TRP B 306 3.99 -7.08 19.72
C TRP B 306 5.25 -6.45 19.17
N ARG B 307 6.12 -7.28 18.57
CA ARG B 307 7.36 -6.82 17.96
C ARG B 307 7.26 -7.02 16.45
N PRO B 308 7.01 -5.95 15.66
CA PRO B 308 6.96 -6.06 14.19
C PRO B 308 8.28 -6.54 13.60
N LEU B 309 8.18 -7.51 12.68
CA LEU B 309 9.31 -8.10 12.02
C LEU B 309 9.76 -7.16 10.90
N CYS B 310 11.09 -7.13 10.72
CA CYS B 310 11.74 -6.33 9.70
C CYS B 310 12.60 -7.24 8.81
N ASN B 311 13.09 -6.63 7.72
CA ASN B 311 14.08 -7.26 6.87
C ASN B 311 15.32 -6.38 6.89
N PRO B 312 16.19 -6.49 7.92
CA PRO B 312 17.25 -5.52 8.21
C PRO B 312 18.41 -5.69 7.23
N PRO B 313 19.26 -4.64 7.06
CA PRO B 313 20.36 -4.69 6.09
C PRO B 313 21.52 -5.59 6.52
N HIS B 314 21.59 -5.91 7.81
CA HIS B 314 22.60 -6.80 8.40
C HIS B 314 21.86 -7.73 9.38
N LEU B 315 22.42 -8.91 9.67
CA LEU B 315 21.84 -9.78 10.68
C LEU B 315 21.63 -9.06 12.02
N ARG B 316 20.44 -9.22 12.61
CA ARG B 316 20.15 -8.68 13.94
C ARG B 316 19.73 -9.81 14.87
N PHE B 317 20.32 -9.81 16.06
CA PHE B 317 20.03 -10.80 17.09
C PHE B 317 19.46 -10.02 18.25
N ASN B 318 18.27 -10.34 18.70
CA ASN B 318 17.68 -9.62 19.82
C ASN B 318 17.16 -10.62 20.84
N MET B 319 17.28 -10.27 22.12
CA MET B 319 16.76 -11.13 23.16
C MET B 319 15.82 -10.33 24.08
N PHE B 320 14.77 -11.03 24.52
CA PHE B 320 13.80 -10.47 25.45
C PHE B 320 13.82 -11.35 26.70
N VAL B 321 14.43 -10.81 27.75
CA VAL B 321 14.63 -11.54 28.99
C VAL B 321 13.28 -11.81 29.63
N ASP B 322 13.07 -13.03 30.10
CA ASP B 322 11.79 -13.39 30.67
C ASP B 322 12.03 -14.43 31.77
N GLU B 323 10.96 -14.77 32.50
CA GLU B 323 11.01 -15.82 33.51
C GLU B 323 9.64 -16.48 33.57
N ASN B 324 9.60 -17.79 33.31
CA ASN B 324 8.36 -18.53 33.22
C ASN B 324 7.49 -17.91 32.14
N PRO B 325 7.99 -17.80 30.90
CA PRO B 325 7.19 -17.27 29.81
C PRO B 325 5.83 -17.97 29.69
N ARG B 326 4.78 -17.21 29.40
CA ARG B 326 3.45 -17.79 29.26
C ARG B 326 3.23 -18.21 27.81
N GLY B 327 3.84 -17.48 26.89
CA GLY B 327 3.76 -17.86 25.48
C GLY B 327 4.58 -16.94 24.59
N PHE B 328 4.91 -17.45 23.39
CA PHE B 328 5.55 -16.67 22.36
C PHE B 328 5.28 -17.34 21.01
N GLY B 329 5.42 -16.55 19.95
CA GLY B 329 5.12 -17.06 18.64
C GLY B 329 5.22 -15.99 17.55
N LEU B 330 5.21 -16.47 16.30
CA LEU B 330 5.21 -15.59 15.16
C LEU B 330 3.80 -15.60 14.56
N LEU B 331 3.17 -14.41 14.46
CA LEU B 331 1.82 -14.28 13.97
C LEU B 331 1.80 -13.64 12.57
N GLN B 332 0.85 -14.05 11.72
CA GLN B 332 0.45 -13.32 10.53
C GLN B 332 -0.83 -12.57 10.85
N ARG B 333 -0.68 -11.36 11.35
CA ARG B 333 -1.82 -10.67 11.91
C ARG B 333 -2.64 -9.99 10.81
N ASP B 334 -2.00 -9.43 9.79
CA ASP B 334 -2.73 -8.89 8.64
C ASP B 334 -3.19 -10.05 7.76
N ARG B 335 -4.51 -10.27 7.68
CA ARG B 335 -5.11 -11.37 6.94
C ARG B 335 -6.00 -10.85 5.80
N ASN B 336 -5.75 -9.62 5.35
CA ASN B 336 -6.51 -9.02 4.26
C ASN B 336 -5.77 -9.28 2.94
N PHE B 337 -6.33 -10.11 2.06
CA PHE B 337 -5.77 -10.38 0.74
C PHE B 337 -5.39 -9.08 0.00
N ASP B 338 -6.19 -8.02 0.21
CA ASP B 338 -6.01 -6.77 -0.53
C ASP B 338 -4.59 -6.22 -0.34
N HIS B 339 -4.01 -6.47 0.83
CA HIS B 339 -2.70 -5.93 1.15
C HIS B 339 -1.57 -6.78 0.59
N TYR B 340 -1.86 -8.01 0.13
CA TYR B 340 -0.82 -8.92 -0.35
C TYR B 340 -0.89 -9.21 -1.86
N GLN B 341 -2.09 -9.55 -2.37
CA GLN B 341 -2.42 -9.65 -3.80
C GLN B 341 -1.86 -10.92 -4.46
N ASP B 342 -1.22 -11.83 -3.72
CA ASP B 342 -0.73 -13.04 -4.39
C ASP B 342 -1.80 -14.15 -4.34
N ASP B 343 -2.49 -14.37 -5.46
CA ASP B 343 -3.58 -15.34 -5.55
C ASP B 343 -3.05 -16.70 -6.00
N GLY B 344 -1.74 -16.93 -5.81
CA GLY B 344 -1.12 -18.22 -6.02
C GLY B 344 -0.76 -18.90 -4.69
N VAL B 345 -0.14 -18.14 -3.75
CA VAL B 345 0.36 -18.73 -2.52
C VAL B 345 -0.23 -18.11 -1.25
N PHE B 346 -1.08 -17.10 -1.40
CA PHE B 346 -2.01 -16.69 -0.37
C PHE B 346 -1.29 -16.42 0.97
N TYR B 347 -0.40 -15.43 0.98
CA TYR B 347 0.30 -15.06 2.21
C TYR B 347 -0.69 -14.71 3.33
N GLU B 348 -1.85 -14.10 3.00
CA GLU B 348 -2.81 -13.67 4.01
C GLU B 348 -3.46 -14.83 4.75
N LYS B 349 -3.40 -16.04 4.21
CA LYS B 349 -4.08 -17.21 4.83
C LYS B 349 -3.12 -18.07 5.63
N ARG B 350 -1.83 -17.75 5.57
CA ARG B 350 -0.79 -18.59 6.21
C ARG B 350 -0.95 -18.61 7.74
N PRO B 351 -0.58 -19.71 8.42
CA PRO B 351 -0.83 -19.84 9.86
C PRO B 351 0.04 -19.07 10.87
N CYS B 352 -0.59 -18.64 11.96
CA CYS B 352 0.15 -18.06 13.10
C CYS B 352 0.67 -19.29 13.84
N LEU B 353 1.84 -19.20 14.46
CA LEU B 353 2.42 -20.32 15.25
C LEU B 353 2.61 -19.84 16.69
N TRP B 354 1.86 -20.42 17.62
CA TRP B 354 1.91 -19.99 19.00
C TRP B 354 2.39 -21.14 19.86
N VAL B 355 3.39 -20.86 20.69
CA VAL B 355 4.03 -21.79 21.59
C VAL B 355 3.64 -21.48 23.05
N GLU B 356 3.07 -22.50 23.72
CA GLU B 356 2.71 -22.39 25.14
C GLU B 356 3.41 -23.48 25.94
N PRO B 357 4.38 -23.07 26.76
CA PRO B 357 5.08 -23.98 27.65
C PRO B 357 4.10 -24.67 28.58
N LYS B 358 4.26 -25.98 28.77
CA LYS B 358 3.39 -26.76 29.64
C LYS B 358 3.82 -26.53 31.08
N SER B 359 5.05 -26.03 31.28
CA SER B 359 5.46 -25.69 32.63
C SER B 359 6.24 -24.39 32.67
N GLY B 360 6.63 -24.02 33.90
CA GLY B 360 7.45 -22.86 34.18
C GLY B 360 8.89 -23.12 33.74
N TRP B 361 9.33 -22.48 32.65
CA TRP B 361 10.65 -22.70 32.10
C TRP B 361 11.75 -21.89 32.79
N GLY B 362 11.37 -21.15 33.82
CA GLY B 362 12.35 -20.42 34.60
C GLY B 362 12.93 -19.27 33.79
N LYS B 363 14.18 -18.90 34.11
CA LYS B 363 14.78 -17.73 33.52
C LYS B 363 15.39 -18.08 32.18
N GLY B 364 15.36 -17.12 31.27
CA GLY B 364 15.97 -17.26 29.98
C GLY B 364 15.56 -16.09 29.10
N SER B 365 15.44 -16.32 27.79
CA SER B 365 15.01 -15.23 26.95
C SER B 365 14.35 -15.80 25.70
N VAL B 366 13.37 -15.05 25.19
CA VAL B 366 12.92 -15.28 23.84
C VAL B 366 13.92 -14.59 22.92
N GLN B 367 14.41 -15.30 21.92
CA GLN B 367 15.44 -14.74 21.05
C GLN B 367 14.88 -14.67 19.64
N LEU B 368 15.24 -13.59 18.93
CA LEU B 368 14.76 -13.32 17.59
C LEU B 368 15.96 -13.06 16.69
N VAL B 369 16.03 -13.81 15.60
CA VAL B 369 17.04 -13.61 14.59
C VAL B 369 16.37 -13.14 13.31
N GLU B 370 16.83 -11.99 12.78
CA GLU B 370 16.39 -11.46 11.50
C GLU B 370 17.60 -11.35 10.57
N ILE B 371 17.50 -12.02 9.39
CA ILE B 371 18.58 -12.09 8.42
C ILE B 371 18.14 -11.29 7.19
N PRO B 372 19.03 -10.47 6.57
CA PRO B 372 18.69 -9.79 5.31
C PRO B 372 18.28 -10.81 4.27
N THR B 373 17.27 -10.49 3.47
CA THR B 373 16.94 -11.35 2.34
C THR B 373 16.52 -10.47 1.15
N VAL B 374 16.86 -10.90 -0.04
CA VAL B 374 16.31 -10.29 -1.24
C VAL B 374 15.19 -11.12 -1.81
N ASP B 375 14.90 -12.33 -1.30
CA ASP B 375 13.71 -13.02 -1.81
C ASP B 375 12.97 -13.88 -0.77
N GLU B 376 11.71 -14.16 -1.14
CA GLU B 376 10.78 -14.84 -0.21
C GLU B 376 11.10 -16.33 0.00
N THR B 377 12.07 -16.86 -0.72
CA THR B 377 12.35 -18.29 -0.64
C THR B 377 13.29 -18.60 0.52
N PHE B 378 13.94 -17.57 1.06
CA PHE B 378 14.84 -17.77 2.16
C PHE B 378 14.10 -17.52 3.47
N ASN B 379 14.23 -18.48 4.40
CA ASN B 379 13.65 -18.37 5.77
C ASN B 379 14.55 -17.44 6.56
N ASN B 380 14.20 -16.16 6.66
CA ASN B 380 15.09 -15.16 7.21
C ASN B 380 14.68 -14.74 8.63
N ILE B 381 13.64 -15.37 9.23
CA ILE B 381 13.20 -15.06 10.59
C ILE B 381 13.24 -16.32 11.46
N VAL B 382 13.86 -16.26 12.64
CA VAL B 382 13.83 -17.36 13.58
C VAL B 382 13.58 -16.81 14.98
N ALA B 383 12.63 -17.40 15.73
CA ALA B 383 12.41 -17.11 17.13
C ALA B 383 12.35 -18.39 17.97
N PHE B 384 12.89 -18.35 19.20
CA PHE B 384 12.98 -19.53 20.04
C PHE B 384 13.23 -19.10 21.47
N TRP B 385 13.04 -20.04 22.40
CA TRP B 385 13.33 -19.85 23.81
C TRP B 385 14.72 -20.37 24.08
N ASN B 386 15.50 -19.54 24.76
CA ASN B 386 16.85 -19.96 25.19
C ASN B 386 16.86 -19.99 26.72
N PRO B 387 16.98 -21.18 27.35
CA PRO B 387 17.13 -21.27 28.81
C PRO B 387 18.38 -20.59 29.30
N GLN B 388 18.28 -20.00 30.50
CA GLN B 388 19.43 -19.37 31.11
C GLN B 388 20.59 -20.37 31.22
N ALA B 389 20.32 -21.59 31.73
CA ALA B 389 21.39 -22.53 32.02
C ALA B 389 21.90 -23.24 30.75
N LYS B 390 23.24 -23.22 30.58
CA LYS B 390 23.92 -23.96 29.53
C LYS B 390 23.68 -25.46 29.66
N PRO B 391 23.16 -26.13 28.62
CA PRO B 391 23.11 -27.60 28.59
C PRO B 391 24.49 -28.24 28.69
N GLN B 392 24.58 -29.29 29.53
CA GLN B 392 25.83 -29.99 29.78
C GLN B 392 25.72 -31.45 29.39
N PRO B 393 26.84 -32.04 28.93
CA PRO B 393 26.88 -33.47 28.61
C PRO B 393 26.40 -34.33 29.78
N GLY B 394 25.68 -35.41 29.46
CA GLY B 394 25.16 -36.32 30.47
C GLY B 394 23.81 -35.89 31.04
N GLN B 395 23.41 -34.63 30.86
CA GLN B 395 22.19 -34.22 31.52
C GLN B 395 20.98 -34.69 30.72
N GLU B 396 19.82 -34.64 31.36
CA GLU B 396 18.56 -34.86 30.70
C GLU B 396 17.74 -33.59 30.89
N LEU B 397 17.28 -33.00 29.78
CA LEU B 397 16.40 -31.84 29.76
C LEU B 397 15.05 -32.28 29.22
N LEU B 398 14.03 -32.12 30.05
CA LEU B 398 12.65 -32.41 29.74
C LEU B 398 11.94 -31.09 29.52
N MET B 399 11.37 -30.89 28.32
CA MET B 399 10.71 -29.66 27.98
C MET B 399 9.43 -30.03 27.23
N GLY B 400 8.29 -29.51 27.68
CA GLY B 400 7.02 -29.77 27.03
C GLY B 400 6.33 -28.47 26.68
N TYR B 401 5.58 -28.48 25.58
CA TYR B 401 4.89 -27.27 25.13
C TYR B 401 3.79 -27.62 24.13
N ARG B 402 2.85 -26.70 23.97
CA ARG B 402 1.78 -26.89 22.97
C ARG B 402 1.99 -25.92 21.80
N LEU B 403 1.77 -26.40 20.59
CA LEU B 403 1.88 -25.56 19.38
C LEU B 403 0.49 -25.38 18.78
N TYR B 404 0.14 -24.16 18.45
CA TYR B 404 -1.12 -23.88 17.79
C TYR B 404 -0.86 -23.27 16.41
N TRP B 405 -1.46 -23.88 15.39
CA TRP B 405 -1.34 -23.46 14.02
C TRP B 405 -2.71 -23.06 13.48
N GLY B 406 -2.90 -21.76 13.18
CA GLY B 406 -4.15 -21.34 12.59
C GLY B 406 -4.22 -19.84 12.39
N ALA B 407 -5.42 -19.37 12.11
CA ALA B 407 -5.63 -18.00 11.66
C ALA B 407 -5.31 -17.03 12.79
N HIS B 408 -5.60 -17.46 14.02
CA HIS B 408 -5.37 -16.63 15.21
C HIS B 408 -4.69 -17.45 16.31
N PRO B 409 -3.84 -16.80 17.15
CA PRO B 409 -3.30 -17.47 18.32
C PRO B 409 -4.48 -17.69 19.25
N PRO B 410 -4.44 -18.75 20.07
CA PRO B 410 -5.52 -19.02 21.03
C PRO B 410 -5.54 -18.10 22.25
N ALA B 411 -4.43 -17.37 22.43
CA ALA B 411 -4.33 -16.32 23.43
C ALA B 411 -3.82 -15.05 22.78
N SER B 412 -4.38 -13.90 23.19
CA SER B 412 -3.82 -12.60 22.84
C SER B 412 -4.26 -11.58 23.88
N SER B 413 -3.74 -10.37 23.81
CA SER B 413 -4.06 -9.36 24.81
C SER B 413 -5.56 -9.09 24.84
N PRO B 414 -6.17 -8.89 26.03
CA PRO B 414 -7.58 -8.47 26.06
C PRO B 414 -7.65 -6.96 25.89
N LEU B 415 -6.49 -6.28 25.88
CA LEU B 415 -6.44 -4.87 25.58
C LEU B 415 -6.42 -4.66 24.05
N ALA B 416 -6.35 -3.42 23.58
CA ALA B 416 -6.29 -3.21 22.15
C ALA B 416 -4.98 -3.77 21.57
N HIS B 417 -5.08 -4.21 20.31
CA HIS B 417 -3.93 -4.73 19.59
C HIS B 417 -3.35 -3.67 18.66
N CYS B 418 -2.05 -3.78 18.41
CA CYS B 418 -1.47 -3.12 17.27
C CYS B 418 -1.92 -3.78 15.97
N VAL B 419 -2.67 -3.04 15.15
CA VAL B 419 -3.17 -3.57 13.90
C VAL B 419 -2.46 -2.95 12.69
N ALA B 420 -1.62 -1.91 12.88
CA ALA B 420 -0.75 -1.49 11.79
C ALA B 420 0.43 -0.70 12.32
N THR B 421 1.54 -0.87 11.60
CA THR B 421 2.74 -0.11 11.79
C THR B 421 3.11 0.44 10.42
N ARG B 422 3.31 1.76 10.31
CA ARG B 422 3.77 2.43 9.10
C ARG B 422 4.85 3.44 9.45
N THR B 423 5.89 3.54 8.61
CA THR B 423 7.00 4.41 8.92
C THR B 423 7.40 5.16 7.67
N GLY B 424 8.09 6.28 7.84
CA GLY B 424 8.71 7.00 6.73
C GLY B 424 9.49 8.22 7.19
N LEU B 425 9.93 9.05 6.22
CA LEU B 425 10.73 10.24 6.53
C LEU B 425 9.95 11.18 7.45
N GLY B 426 10.61 11.61 8.53
CA GLY B 426 10.00 12.50 9.51
C GLY B 426 10.11 13.97 9.12
N GLY B 427 9.49 14.82 9.93
CA GLY B 427 9.48 16.25 9.67
C GLY B 427 8.12 16.73 9.18
N ILE B 428 7.77 17.96 9.57
CA ILE B 428 6.55 18.58 9.09
C ILE B 428 6.63 18.68 7.57
N VAL B 429 5.57 18.16 6.93
CA VAL B 429 5.52 18.01 5.49
C VAL B 429 5.64 19.38 4.81
N GLY B 430 6.57 19.48 3.86
CA GLY B 430 6.75 20.67 3.05
C GLY B 430 7.46 21.80 3.80
N GLN B 431 8.33 21.46 4.76
CA GLN B 431 9.15 22.42 5.47
C GLN B 431 10.61 22.03 5.32
N LYS B 432 11.50 23.01 5.36
CA LYS B 432 12.92 22.71 5.37
C LYS B 432 13.23 21.96 6.68
N ARG B 433 14.08 20.94 6.57
CA ARG B 433 14.44 20.11 7.71
C ARG B 433 15.82 20.51 8.18
N SER B 434 15.96 20.87 9.46
CA SER B 434 17.27 21.14 10.03
C SER B 434 17.96 19.82 10.36
N HIS B 435 17.14 18.79 10.56
CA HIS B 435 17.71 17.51 11.02
C HIS B 435 16.93 16.30 10.51
N PHE B 436 17.65 15.23 10.26
CA PHE B 436 17.06 13.93 9.93
C PHE B 436 16.22 13.40 11.09
N SER B 437 15.04 12.86 10.75
CA SER B 437 14.18 12.18 11.70
C SER B 437 13.37 11.17 10.92
N TRP B 438 12.79 10.21 11.65
CA TRP B 438 11.98 9.17 11.06
C TRP B 438 10.62 9.18 11.77
N ARG B 439 9.57 9.09 10.95
CA ARG B 439 8.20 9.15 11.43
C ARG B 439 7.58 7.74 11.50
N PHE B 440 6.82 7.51 12.56
CA PHE B 440 6.12 6.26 12.83
C PHE B 440 4.66 6.57 13.11
N ALA B 441 3.78 5.77 12.51
CA ALA B 441 2.36 5.81 12.78
C ALA B 441 1.92 4.40 13.16
N VAL B 442 1.32 4.28 14.35
CA VAL B 442 1.01 3.00 14.95
C VAL B 442 -0.47 3.02 15.32
N ASP B 443 -1.22 2.06 14.74
CA ASP B 443 -2.65 2.00 14.92
C ASP B 443 -3.02 0.85 15.89
N PHE B 444 -3.94 1.15 16.78
CA PHE B 444 -4.47 0.20 17.74
C PHE B 444 -5.98 0.13 17.65
N ALA B 445 -6.50 -1.08 17.79
CA ALA B 445 -7.95 -1.32 17.84
C ALA B 445 -8.26 -2.45 18.84
N GLY B 446 -9.51 -2.44 19.34
CA GLY B 446 -10.04 -3.40 20.29
C GLY B 446 -10.05 -2.79 21.70
N GLY B 447 -10.25 -3.63 22.72
CA GLY B 447 -10.34 -3.14 24.08
C GLY B 447 -11.42 -2.06 24.18
N GLU B 448 -11.14 -0.99 24.92
CA GLU B 448 -12.19 -0.02 25.11
C GLU B 448 -11.96 1.17 24.19
N LEU B 449 -11.16 1.01 23.13
CA LEU B 449 -10.77 2.14 22.31
C LEU B 449 -11.96 2.65 21.49
N ALA B 450 -12.87 1.79 21.03
CA ALA B 450 -14.00 2.31 20.27
C ALA B 450 -14.81 3.29 21.12
N ALA B 451 -15.04 2.98 22.39
CA ALA B 451 -15.83 3.87 23.23
C ALA B 451 -15.04 5.16 23.47
N LEU B 452 -13.74 5.05 23.75
CA LEU B 452 -12.96 6.27 23.95
C LEU B 452 -12.92 7.14 22.70
N ALA B 453 -12.81 6.54 21.50
CA ALA B 453 -12.73 7.29 20.26
C ALA B 453 -13.98 8.13 20.05
N LYS B 454 -15.16 7.61 20.43
CA LYS B 454 -16.42 8.33 20.30
C LYS B 454 -16.61 9.35 21.41
N ASP B 455 -15.73 9.42 22.41
CA ASP B 455 -16.03 10.20 23.60
C ASP B 455 -15.17 11.46 23.59
N PRO B 456 -15.76 12.66 23.43
CA PRO B 456 -14.95 13.88 23.31
C PRO B 456 -14.27 14.29 24.61
N LYS B 457 -14.71 13.71 25.75
CA LYS B 457 -14.08 13.91 27.05
C LYS B 457 -12.87 12.97 27.29
N ALA B 458 -12.56 12.05 26.37
CA ALA B 458 -11.59 10.97 26.64
C ALA B 458 -10.16 11.49 26.60
N LYS B 459 -9.34 11.14 27.60
CA LYS B 459 -7.96 11.59 27.63
C LYS B 459 -7.05 10.37 27.42
N VAL B 460 -6.58 10.18 26.20
CA VAL B 460 -5.69 9.08 25.88
C VAL B 460 -4.30 9.61 25.60
N GLU B 461 -3.26 8.99 26.17
CA GLU B 461 -1.91 9.46 25.93
C GLU B 461 -1.01 8.33 25.43
N ALA B 462 -0.09 8.69 24.55
CA ALA B 462 0.92 7.77 24.07
C ALA B 462 2.05 7.81 25.09
N VAL B 463 2.56 6.63 25.45
CA VAL B 463 3.71 6.57 26.33
C VAL B 463 4.80 5.88 25.55
N LEU B 464 5.91 6.60 25.44
CA LEU B 464 6.87 6.33 24.40
C LEU B 464 8.23 6.45 25.06
N GLN B 465 9.03 5.40 24.95
CA GLN B 465 10.40 5.43 25.42
C GLN B 465 11.29 4.90 24.31
N VAL B 466 12.49 5.46 24.21
CA VAL B 466 13.47 5.01 23.23
C VAL B 466 14.79 4.78 23.92
N SER B 467 15.54 3.80 23.44
CA SER B 467 16.79 3.47 24.09
C SER B 467 17.87 4.52 23.78
N ARG B 468 17.73 5.25 22.67
CA ARG B 468 18.65 6.32 22.32
C ARG B 468 17.97 7.24 21.31
N GLY B 469 18.51 8.46 21.21
CA GLY B 469 17.92 9.51 20.42
C GLY B 469 16.79 10.20 21.17
N THR B 470 16.01 11.02 20.46
CA THR B 470 14.95 11.77 21.10
C THR B 470 13.70 11.65 20.23
N THR B 471 12.53 11.85 20.83
CA THR B 471 11.26 11.83 20.13
C THR B 471 10.65 13.22 20.13
N GLU B 472 9.87 13.53 19.12
CA GLU B 472 9.22 14.83 18.95
C GLU B 472 7.99 14.64 18.08
N ILE B 473 7.08 15.63 18.14
CA ILE B 473 5.83 15.67 17.39
C ILE B 473 5.03 14.38 17.66
N VAL B 474 4.74 14.17 18.95
CA VAL B 474 4.09 12.99 19.46
C VAL B 474 2.61 13.27 19.60
N SER B 475 1.76 12.35 19.14
CA SER B 475 0.32 12.50 19.33
C SER B 475 -0.33 11.12 19.48
N ALA B 476 -1.54 11.13 20.02
CA ALA B 476 -2.40 9.99 20.09
C ALA B 476 -3.81 10.51 19.84
N ARG B 477 -4.47 10.04 18.78
CA ARG B 477 -5.74 10.63 18.37
C ARG B 477 -6.65 9.53 17.87
N PRO B 478 -7.97 9.75 17.97
CA PRO B 478 -8.91 8.79 17.43
C PRO B 478 -8.62 8.57 15.95
N LEU B 479 -8.70 7.32 15.52
CA LEU B 479 -8.76 6.97 14.13
C LEU B 479 -10.15 6.40 13.87
N HIS B 480 -11.10 7.27 13.53
CA HIS B 480 -12.53 6.85 13.46
C HIS B 480 -12.78 5.76 12.42
N GLU B 481 -12.01 5.77 11.34
CA GLU B 481 -12.17 4.79 10.27
C GLU B 481 -11.90 3.37 10.82
N LEU B 482 -11.13 3.27 11.90
CA LEU B 482 -10.84 1.99 12.53
C LEU B 482 -11.65 1.77 13.81
N LYS B 483 -12.32 2.82 14.31
CA LYS B 483 -12.82 2.82 15.68
C LYS B 483 -11.70 2.52 16.66
N GLY B 484 -10.57 3.20 16.48
CA GLY B 484 -9.44 2.98 17.37
C GLY B 484 -8.64 4.26 17.54
N TYR B 485 -7.36 4.11 17.82
CA TYR B 485 -6.46 5.23 17.99
C TYR B 485 -5.22 5.06 17.15
N ARG B 486 -4.62 6.22 16.83
CA ARG B 486 -3.38 6.26 16.08
C ARG B 486 -2.39 7.05 16.90
N ALA B 487 -1.21 6.47 17.10
CA ALA B 487 -0.10 7.20 17.66
C ALA B 487 0.89 7.54 16.57
N MET B 488 1.40 8.77 16.65
CA MET B 488 2.42 9.22 15.72
C MET B 488 3.57 9.82 16.51
N PHE B 489 4.80 9.59 16.03
CA PHE B 489 5.91 10.31 16.61
C PHE B 489 7.05 10.32 15.62
N ASP B 490 7.94 11.30 15.75
CA ASP B 490 9.20 11.29 15.01
C ASP B 490 10.37 10.99 15.96
N LEU B 491 11.38 10.28 15.45
CA LEU B 491 12.51 9.85 16.23
C LEU B 491 13.77 10.39 15.57
N VAL B 492 14.59 11.11 16.36
CA VAL B 492 15.83 11.73 15.90
C VAL B 492 16.96 10.84 16.38
N PRO B 493 17.66 10.11 15.50
CA PRO B 493 18.73 9.23 15.94
C PRO B 493 19.81 10.12 16.54
N PRO B 494 20.61 9.60 17.48
CA PRO B 494 21.50 10.44 18.28
C PRO B 494 22.79 10.87 17.58
N ASP B 495 23.10 10.20 16.48
CA ASP B 495 24.38 10.43 15.80
C ASP B 495 24.20 9.95 14.39
N GLU B 496 25.33 9.81 13.66
CA GLU B 496 25.37 9.47 12.26
C GLU B 496 25.36 7.95 12.01
N GLY B 497 25.60 7.14 13.06
CA GLY B 497 25.79 5.70 12.95
C GLY B 497 24.47 4.92 12.83
N THR B 498 24.56 3.58 12.75
CA THR B 498 23.39 2.75 12.47
C THR B 498 23.03 1.77 13.59
N GLN B 499 23.42 2.07 14.83
CA GLN B 499 23.10 1.25 15.99
C GLN B 499 21.60 1.16 16.19
N GLN B 500 21.14 -0.05 16.49
CA GLN B 500 19.75 -0.35 16.67
C GLN B 500 19.19 0.53 17.78
N ILE B 501 18.01 1.11 17.55
CA ILE B 501 17.26 1.86 18.55
C ILE B 501 16.02 1.04 18.91
N ASP B 502 15.83 0.82 20.21
CA ASP B 502 14.62 0.19 20.72
C ASP B 502 13.59 1.23 21.11
N ILE B 503 12.37 1.04 20.62
CA ILE B 503 11.22 1.89 20.94
C ILE B 503 10.12 1.08 21.62
N ARG B 504 9.59 1.59 22.71
CA ARG B 504 8.53 0.93 23.47
C ARG B 504 7.35 1.91 23.44
N LEU B 505 6.17 1.49 22.98
CA LEU B 505 5.01 2.36 22.91
C LEU B 505 3.77 1.64 23.47
N PHE B 506 2.93 2.37 24.23
CA PHE B 506 1.59 1.91 24.54
C PHE B 506 0.72 3.13 24.77
N LEU B 507 -0.59 2.91 24.72
CA LEU B 507 -1.53 3.98 25.03
C LEU B 507 -2.03 3.75 26.45
N ARG B 508 -2.38 4.85 27.12
CA ARG B 508 -2.71 4.86 28.53
C ARG B 508 -3.85 5.86 28.82
N ALA B 509 -4.70 5.51 29.78
CA ALA B 509 -5.65 6.41 30.40
C ALA B 509 -5.73 6.09 31.89
N ASN B 510 -5.72 7.16 32.70
CA ASN B 510 -5.86 7.07 34.15
C ASN B 510 -4.82 6.11 34.69
N GLY B 511 -3.63 6.14 34.10
CA GLY B 511 -2.48 5.46 34.65
C GLY B 511 -2.38 3.99 34.25
N LYS B 512 -3.38 3.48 33.51
CA LYS B 512 -3.36 2.09 33.09
C LYS B 512 -3.28 1.95 31.58
N PRO B 513 -2.67 0.85 31.07
CA PRO B 513 -2.53 0.66 29.64
C PRO B 513 -3.86 0.31 29.00
N LEU B 514 -4.03 0.80 27.76
CA LEU B 514 -5.20 0.52 26.94
C LEU B 514 -4.83 -0.46 25.83
N THR B 515 -3.53 -0.68 25.63
CA THR B 515 -3.04 -1.53 24.55
C THR B 515 -1.96 -2.50 25.06
N GLU B 516 -1.76 -3.57 24.28
CA GLU B 516 -0.50 -4.32 24.39
C GLU B 516 0.65 -3.36 24.09
N THR B 517 1.85 -3.83 24.37
CA THR B 517 3.05 -3.05 24.20
C THR B 517 3.58 -3.26 22.78
N TRP B 518 3.78 -2.15 22.04
CA TRP B 518 4.49 -2.14 20.78
C TRP B 518 5.96 -1.90 21.02
N LEU B 519 6.77 -2.84 20.55
CA LEU B 519 8.20 -2.81 20.74
C LEU B 519 8.85 -3.00 19.37
N TYR B 520 9.47 -1.92 18.89
CA TYR B 520 10.00 -1.82 17.55
C TYR B 520 11.50 -1.60 17.66
N GLN B 521 12.25 -2.36 16.88
CA GLN B 521 13.69 -2.24 16.86
C GLN B 521 14.06 -1.78 15.45
N TRP B 522 14.59 -0.56 15.41
CA TRP B 522 14.88 0.20 14.20
C TRP B 522 16.38 0.29 13.99
N THR B 523 16.82 -0.08 12.79
CA THR B 523 18.17 0.19 12.32
C THR B 523 18.19 1.47 11.49
N PRO B 524 18.73 2.60 12.00
CA PRO B 524 18.68 3.85 11.24
C PRO B 524 19.52 3.75 9.97
N PRO B 525 19.17 4.55 8.95
CA PRO B 525 19.89 4.51 7.68
C PRO B 525 21.22 5.21 7.89
N PRO B 526 22.25 4.81 7.12
CA PRO B 526 23.58 5.44 7.20
C PRO B 526 23.49 6.88 6.70
N ALA B 527 24.56 7.65 6.98
CA ALA B 527 24.65 9.07 6.68
C ALA B 527 24.38 9.34 5.20
N SER B 528 24.90 8.49 4.31
CA SER B 528 24.75 8.69 2.88
C SER B 528 23.28 8.72 2.49
N GLU B 529 22.49 7.85 3.13
CA GLU B 529 21.06 7.81 2.82
C GLU B 529 20.37 9.05 3.38
N ARG B 530 20.83 9.54 4.53
CA ARG B 530 20.20 10.71 5.13
C ARG B 530 20.42 11.96 4.28
N LYS B 531 21.58 12.06 3.63
CA LYS B 531 21.90 13.23 2.80
C LYS B 531 20.87 13.33 1.68
N ILE B 532 20.58 12.20 1.02
CA ILE B 532 19.58 12.16 -0.05
C ILE B 532 18.22 12.64 0.48
N TYR B 533 17.80 12.20 1.67
CA TYR B 533 16.67 12.85 2.32
C TYR B 533 17.09 14.27 2.72
C2 BGC C . 22.36 -19.26 6.51
C3 BGC C . 21.87 -18.91 7.90
C4 BGC C . 22.71 -17.82 8.54
C5 BGC C . 22.87 -16.64 7.60
C6 BGC C . 23.77 -15.57 8.16
C1 BGC C . 22.68 -18.03 5.67
O1 BGC C . 23.35 -18.40 4.51
O2 BGC C . 21.39 -20.06 5.86
O3 BGC C . 21.90 -20.09 8.70
O4 BGC C . 22.06 -17.35 9.72
O5 BGC C . 23.49 -17.11 6.40
O6 BGC C . 23.68 -14.36 7.42
C2 BGC C . 20.77 -22.35 5.50
C3 BGC C . 21.23 -23.70 5.01
C4 BGC C . 22.08 -23.56 3.75
C5 BGC C . 23.19 -22.55 3.95
C6 BGC C . 23.93 -22.26 2.67
C1 BGC C . 21.93 -21.37 5.62
O2 BGC C . 20.12 -22.52 6.76
O3 BGC C . 20.09 -24.51 4.74
O4 BGC C . 22.65 -24.82 3.42
O5 BGC C . 22.65 -21.30 4.40
O6 BGC C . 25.31 -22.59 2.78
C2 BGC C . 17.72 -22.42 6.93
C3 BGC C . 16.56 -21.55 7.36
C4 BGC C . 16.88 -20.83 8.66
C5 BGC C . 18.20 -20.06 8.54
C6 BGC C . 18.63 -19.48 9.85
C1 BGC C . 19.02 -21.63 6.90
O2 BGC C . 17.49 -23.02 5.65
O3 BGC C . 15.39 -22.34 7.53
O4 BGC C . 15.88 -19.90 8.99
O5 BGC C . 19.23 -20.97 8.15
O6 BGC C . 18.48 -20.43 10.89
C2 BGC C . 16.31 -24.89 4.60
C3 BGC C . 15.79 -26.30 4.82
C4 BGC C . 16.87 -27.16 5.45
C5 BGC C . 17.37 -26.50 6.72
C6 BGC C . 18.47 -27.28 7.39
C1 BGC C . 16.94 -24.32 5.86
O2 BGC C . 15.24 -24.04 4.16
O3 BGC C . 15.37 -26.87 3.59
O4 BGC C . 16.34 -28.45 5.78
O5 BGC C . 17.91 -25.22 6.38
O6 BGC C . 19.57 -27.49 6.51
C2 BGC C . 14.02 -23.30 2.13
C3 BGC C . 14.18 -22.93 0.67
C4 BGC C . 15.46 -22.15 0.44
C5 BGC C . 16.64 -22.95 0.98
C6 BGC C . 17.96 -22.23 0.84
C1 BGC C . 15.28 -23.91 2.72
O2 BGC C . 12.92 -24.20 2.20
O3 BGC C . 13.05 -22.16 0.24
O4 BGC C . 15.65 -21.95 -0.95
O5 BGC C . 16.44 -23.15 2.38
O6 BGC C . 17.87 -20.88 1.29
C2 BGC C . 10.87 -23.97 3.47
C3 BGC C . 10.17 -24.38 4.76
C4 BGC C . 10.52 -25.82 5.12
C5 BGC C . 12.02 -25.98 5.20
C6 BGC C . 12.44 -27.39 5.55
C1 BGC C . 12.34 -24.33 3.49
O2 BGC C . 10.69 -22.57 3.25
O3 BGC C . 8.76 -24.24 4.61
O4 BGC C . 9.96 -26.16 6.38
O5 BGC C . 12.55 -25.68 3.91
O6 BGC C . 11.82 -28.36 4.72
C2 BGC C . 8.64 -22.69 1.75
C3 BGC C . 7.65 -21.57 1.64
C4 BGC C . 8.06 -20.45 2.56
C5 BGC C . 9.35 -19.83 2.08
C6 BGC C . 10.02 -19.03 3.18
C1 BGC C . 10.07 -22.20 2.00
O2 BGC C . 8.56 -23.43 0.55
O3 BGC C . 6.35 -22.04 1.95
O4 BGC C . 7.08 -19.43 2.55
O5 BGC C . 10.30 -20.84 1.61
O6 BGC C . 11.29 -18.55 2.80
C2 BGC C . 7.63 -25.59 0.09
C3 BGC C . 7.86 -27.08 0.24
C4 BGC C . 9.27 -27.45 -0.19
C5 BGC C . 10.30 -26.58 0.51
C6 BGC C . 11.70 -26.80 -0.02
C1 BGC C . 8.72 -24.81 0.80
O2 BGC C . 6.37 -25.23 0.61
O3 BGC C . 6.90 -27.77 -0.52
O4 BGC C . 9.53 -28.81 0.13
O5 BGC C . 9.99 -25.20 0.28
O6 BGC C . 11.80 -26.41 -1.38
C2 BGC C . 4.08 -25.17 -0.01
C3 BGC C . 2.96 -24.29 -0.55
C4 BGC C . 3.36 -22.84 -0.72
C5 BGC C . 4.68 -22.76 -1.46
C6 BGC C . 5.12 -21.35 -1.73
C1 BGC C . 5.50 -24.77 -0.43
O2 BGC C . 3.84 -26.51 -0.44
O3 BGC C . 1.85 -24.37 0.33
O4 BGC C . 2.37 -22.16 -1.47
O5 BGC C . 5.67 -23.37 -0.64
O6 BGC C . 5.24 -20.58 -0.54
C2 BGC C . 2.39 -28.31 0.14
C3 BGC C . 2.17 -29.51 1.03
C4 BGC C . 3.50 -30.16 1.40
C5 BGC C . 4.40 -29.12 2.03
C6 BGC C . 5.74 -29.67 2.43
C1 BGC C . 3.48 -27.37 0.64
O2 BGC C . 1.15 -27.60 0.05
O3 BGC C . 1.35 -30.46 0.36
O4 BGC C . 3.30 -31.21 2.32
O5 BGC C . 4.66 -28.09 1.05
O6 BGC C . 6.41 -28.80 3.33
C2 BGC C . 0.11 -27.99 -2.15
C3 BGC C . -1.19 -28.44 -1.51
C4 BGC C . -1.62 -27.45 -0.44
C5 BGC C . -1.31 -26.01 -0.86
C6 BGC C . -1.70 -24.98 0.17
C1 BGC C . 0.86 -27.05 -1.24
O2 BGC C . -0.14 -27.38 -3.42
O3 BGC C . -1.01 -29.73 -0.94
O4 BGC C . -3.01 -27.57 -0.19
O5 BGC C . 0.11 -25.85 -1.09
O6 BGC C . -1.04 -25.19 1.41
C2 BGC C . 0.51 -26.89 -5.72
C3 BGC C . 1.67 -26.87 -6.72
C4 BGC C . 2.92 -26.26 -6.10
C5 BGC C . 3.24 -26.99 -4.81
C6 BGC C . 4.46 -26.43 -4.09
C1 BGC C . 0.93 -27.47 -4.38
O2 BGC C . -0.56 -27.61 -6.29
O3 BGC C . 1.29 -26.15 -7.89
O4 BGC C . 4.02 -26.41 -6.99
O5 BGC C . 2.14 -26.85 -3.91
O6 BGC C . 4.42 -25.01 -4.01
C2 BGC C . -2.50 -26.92 -7.54
C3 BGC C . -3.98 -26.61 -7.45
C4 BGC C . -4.65 -27.41 -6.36
C5 BGC C . -3.93 -27.16 -5.05
C6 BGC C . -4.52 -27.91 -3.88
C1 BGC C . -1.81 -26.92 -6.18
O2 BGC C . -1.89 -25.99 -8.40
O3 BGC C . -4.60 -26.88 -8.71
O4 BGC C . -6.01 -27.04 -6.23
O5 BGC C . -2.57 -27.61 -5.18
O6 BGC C . -4.40 -29.31 -4.06
C2 BGC C . -1.37 -25.65 -10.77
C3 BGC C . -0.65 -26.26 -11.97
C4 BGC C . 0.42 -27.25 -11.56
C5 BGC C . -0.16 -28.26 -10.61
C6 BGC C . 0.85 -29.30 -10.16
C1 BGC C . -1.63 -26.65 -9.65
O2 BGC C . -2.60 -25.12 -11.25
O3 BGC C . -0.08 -25.20 -12.74
O4 BGC C . 0.91 -27.92 -12.71
O5 BGC C . -0.55 -27.56 -9.43
O6 BGC C . 2.02 -28.69 -9.64
C2 BGC C . -3.12 -22.80 -11.50
C3 BGC C . -3.89 -21.61 -10.94
C4 BGC C . -5.19 -22.05 -10.30
C5 BGC C . -4.93 -23.15 -9.29
C6 BGC C . -6.19 -23.66 -8.62
C1 BGC C . -3.06 -23.96 -10.53
O2 BGC C . -1.80 -22.39 -11.84
O3 BGC C . -4.13 -20.67 -11.97
O4 BGC C . -5.81 -20.95 -9.64
O5 BGC C . -4.34 -24.26 -9.97
O6 BGC C . -7.11 -24.16 -9.57
C2 BGC C . -0.52 -21.23 -13.50
C3 BGC C . -0.01 -21.23 -14.92
C4 BGC C . 0.02 -22.62 -15.52
C5 BGC C . -1.31 -23.31 -15.31
C6 BGC C . -1.33 -24.71 -15.86
C1 BGC C . -1.70 -22.15 -13.25
O2 BGC C . -0.89 -19.88 -13.20
O3 BGC C . 1.31 -20.68 -14.93
O4 BGC C . 0.26 -22.52 -16.92
O5 BGC C . -1.55 -23.41 -13.91
O6 BGC C . -2.65 -25.25 -15.83
C2 BGC C . 0.47 -18.67 -11.63
C3 BGC C . 0.47 -17.92 -10.30
C4 BGC C . -0.88 -17.30 -10.04
C5 BGC C . -1.93 -18.39 -10.07
C6 BGC C . -3.32 -17.89 -9.77
C1 BGC C . -0.75 -19.56 -11.81
O2 BGC C . 1.65 -19.46 -11.77
O3 BGC C . 1.48 -16.91 -10.33
O4 BGC C . -0.90 -16.66 -8.78
O5 BGC C . -1.96 -18.93 -11.40
O6 BGC C . -3.80 -17.03 -10.81
C2 BGC C . 4.00 -19.48 -12.00
C3 BGC C . 5.22 -18.83 -12.64
C4 BGC C . 4.98 -18.59 -14.12
C5 BGC C . 3.70 -17.81 -14.33
C6 BGC C . 3.36 -17.63 -15.78
C1 BGC C . 2.74 -18.70 -12.31
O2 BGC C . 4.15 -19.61 -10.60
O3 BGC C . 6.37 -19.67 -12.47
O4 BGC C . 6.06 -17.85 -14.67
O5 BGC C . 2.61 -18.52 -13.73
O6 BGC C . 2.22 -16.81 -15.95
C2 BGC C . 4.86 -21.17 -8.86
C3 BGC C . 5.14 -22.64 -8.53
C4 BGC C . 4.06 -23.56 -9.09
C5 BGC C . 3.72 -23.24 -10.53
C6 BGC C . 2.54 -24.03 -11.04
C1 BGC C . 4.44 -20.99 -10.30
O2 BGC C . 5.99 -20.34 -8.60
O3 BGC C . 5.23 -22.82 -7.12
O4 BGC C . 4.50 -24.91 -9.02
O5 BGC C . 3.37 -21.86 -10.64
O6 BGC C . 2.13 -23.60 -12.32
C2 BGC C . 7.56 -20.10 -6.78
C3 BGC C . 7.68 -19.78 -5.31
C4 BGC C . 7.09 -18.41 -5.00
C5 BGC C . 5.69 -18.26 -5.58
C6 BGC C . 5.21 -16.83 -5.52
C1 BGC C . 6.12 -19.97 -7.22
O2 BGC C . 8.06 -21.40 -7.06
O3 BGC C . 9.05 -19.82 -4.93
O4 BGC C . 7.01 -18.21 -3.60
O5 BGC C . 5.67 -18.64 -6.97
O6 BGC C . 3.85 -16.71 -5.89
C2 BGC C . 10.07 -22.38 -7.79
C3 BGC C . 10.95 -22.84 -8.96
C4 BGC C . 10.08 -23.25 -10.16
C5 BGC C . 8.96 -22.21 -10.47
C6 BGC C . 8.02 -22.65 -11.59
C1 BGC C . 8.93 -21.46 -8.21
O2 BGC C . 10.85 -21.69 -6.79
O3 BGC C . 11.81 -23.91 -8.55
O4 BGC C . 10.88 -23.37 -11.33
O5 BGC C . 8.15 -22.01 -9.27
O6 BGC C . 7.29 -23.85 -11.25
C2 BGC C . 12.49 -22.05 -4.99
C3 BGC C . 12.89 -22.84 -3.78
C4 BGC C . 11.81 -22.81 -2.71
C5 BGC C . 10.38 -23.10 -3.24
C6 BGC C . 9.30 -22.59 -2.29
C1 BGC C . 11.16 -22.56 -5.51
O2 BGC C . 13.51 -22.20 -5.99
O3 BGC C . 14.13 -22.33 -3.32
O4 BGC C . 12.14 -23.79 -1.74
O5 BGC C . 10.12 -22.47 -4.52
O6 BGC C . 8.04 -23.25 -2.51
C2 BGC D . 18.62 -47.91 31.68
C3 BGC D . 18.42 -46.70 32.59
C4 BGC D . 18.27 -47.13 34.02
C5 BGC D . 19.42 -48.02 34.44
C6 BGC D . 19.27 -48.55 35.84
C1 BGC D . 19.70 -48.84 32.21
O1 BGC D . 19.73 -50.03 31.50
O2 BGC D . 18.95 -47.44 30.38
O3 BGC D . 17.28 -45.95 32.18
O4 BGC D . 18.27 -45.98 34.86
O5 BGC D . 19.46 -49.16 33.57
O6 BGC D . 20.45 -49.23 36.25
C2 BGC D . 17.22 -47.62 28.70
C3 BGC D . 16.74 -48.43 27.51
C4 BGC D . 17.89 -48.72 26.58
C5 BGC D . 19.02 -49.39 27.33
C6 BGC D . 20.24 -49.63 26.48
C1 BGC D . 18.40 -48.29 29.37
O2 BGC D . 16.17 -47.46 29.65
O3 BGC D . 15.71 -47.71 26.82
O4 BGC D . 17.47 -49.59 25.54
O5 BGC D . 19.43 -48.56 28.41
O6 BGC D . 20.85 -48.40 26.09
C2 BGC D . 14.43 -46.21 30.59
C3 BGC D . 13.75 -44.86 30.77
C4 BGC D . 14.76 -43.73 30.80
C5 BGC D . 15.69 -43.83 29.61
C6 BGC D . 16.75 -42.75 29.58
C1 BGC D . 15.50 -46.20 29.52
O2 BGC D . 13.45 -47.18 30.27
O3 BGC D . 13.01 -44.90 31.98
O4 BGC D . 14.07 -42.49 30.75
O5 BGC D . 16.37 -45.08 29.67
O6 BGC D . 17.46 -42.67 30.81
C2 BGC D . 12.28 -48.54 31.87
C3 BGC D . 12.22 -49.91 32.56
C4 BGC D . 12.94 -50.99 31.76
C5 BGC D . 14.30 -50.51 31.36
C6 BGC D . 15.10 -51.52 30.57
C1 BGC D . 13.60 -48.26 31.18
O2 BGC D . 12.03 -47.49 32.79
O3 BGC D . 10.86 -50.30 32.75
O4 BGC D . 13.06 -52.16 32.54
O5 BGC D . 14.11 -49.40 30.49
O6 BGC D . 16.48 -51.18 30.59
C2 BGC D . 10.45 -46.27 34.16
C3 BGC D . 8.99 -46.03 34.46
C4 BGC D . 8.17 -45.97 33.18
C5 BGC D . 8.44 -47.19 32.34
C6 BGC D . 7.70 -47.17 31.02
C1 BGC D . 10.66 -47.40 33.17
O2 BGC D . 11.11 -46.55 35.39
O3 BGC D . 8.85 -44.82 35.20
O4 BGC D . 6.79 -45.92 33.49
O5 BGC D . 9.82 -47.25 32.03
O6 BGC D . 8.00 -48.31 30.25
C2 BGC D . 12.79 -45.21 36.38
C3 BGC D . 14.28 -44.97 36.51
C4 BGC D . 15.01 -46.29 36.67
C5 BGC D . 14.68 -47.21 35.50
C6 BGC D . 15.34 -48.55 35.61
C1 BGC D . 12.50 -46.26 35.33
O2 BGC D . 12.12 -44.01 36.00
O3 BGC D . 14.54 -44.13 37.63
O4 BGC D . 16.41 -46.06 36.71
O5 BGC D . 13.27 -47.44 35.51
O6 BGC D . 15.21 -49.29 34.40
C2 BGC D . 10.94 -42.03 36.75
C3 BGC D . 10.03 -41.43 37.81
C4 BGC D . 9.04 -42.45 38.34
C5 BGC D . 9.73 -43.73 38.70
C6 BGC D . 8.79 -44.82 39.19
C1 BGC D . 11.46 -43.41 37.11
O2 BGC D . 12.02 -41.12 36.56
O3 BGC D . 9.35 -40.32 37.25
O4 BGC D . 8.42 -41.92 39.51
O5 BGC D . 10.38 -44.24 37.54
O6 BGC D . 7.83 -45.15 38.20
C2 BGC D . 12.31 -40.02 34.42
C3 BGC D . 13.09 -40.04 33.11
C4 BGC D . 14.53 -40.47 33.35
C5 BGC D . 14.55 -41.78 34.09
C6 BGC D . 15.95 -42.27 34.37
C1 BGC D . 12.56 -41.26 35.25
O2 BGC D . 10.91 -39.90 34.16
O3 BGC D . 13.02 -38.76 32.51
O4 BGC D . 15.20 -40.63 32.11
O5 BGC D . 13.94 -41.57 35.35
O6 BGC D . 16.67 -41.35 35.18
C2 BGC D . 9.06 -38.39 33.92
C3 BGC D . 8.52 -37.02 34.23
C4 BGC D . 8.73 -36.69 35.69
C5 BGC D . 10.19 -36.91 36.10
C6 BGC D . 10.38 -36.80 37.59
C1 BGC D . 10.49 -38.55 34.38
O2 BGC D . 8.96 -38.60 32.51
O3 BGC D . 7.13 -36.99 33.94
O4 BGC D . 8.43 -35.32 35.90
O5 BGC D . 10.59 -38.25 35.76
O6 BGC D . 11.54 -36.04 37.90
C2 BGC D . 7.54 -39.91 31.11
C3 BGC D . 7.18 -41.31 30.65
C4 BGC D . 8.40 -42.21 30.56
C5 BGC D . 9.26 -42.12 31.81
C6 BGC D . 10.55 -42.86 31.68
C1 BGC D . 8.48 -39.92 32.29
O2 BGC D . 6.35 -39.20 31.46
O3 BGC D . 6.53 -41.21 29.38
O4 BGC D . 7.99 -43.55 30.42
O5 BGC D . 9.60 -40.75 32.04
O6 BGC D . 11.33 -42.36 30.61
C2 BGC D . 4.66 -37.81 30.50
C3 BGC D . 4.35 -36.44 29.90
C4 BGC D . 5.10 -35.37 30.66
C5 BGC D . 6.58 -35.68 30.58
C6 BGC D . 7.44 -34.67 31.29
C1 BGC D . 6.15 -38.05 30.62
O2 BGC D . 4.04 -38.84 29.74
O3 BGC D . 2.95 -36.19 29.97
O4 BGC D . 4.84 -34.09 30.09
O5 BGC D . 6.81 -36.94 31.23
O6 BGC D . 8.81 -35.00 31.18
C2 BGC E . -17.52 44.94 -30.80
C3 BGC E . -17.97 45.72 -29.59
C4 BGC E . -16.96 46.81 -29.23
C5 BGC E . -16.64 47.65 -30.45
C6 BGC E . -15.56 48.67 -30.20
C1 BGC E . -17.16 45.87 -31.93
O1 BGC E . -16.69 45.15 -33.02
O2 BGC E . -18.51 44.04 -31.24
O3 BGC E . -18.16 44.85 -28.48
O4 BGC E . -17.49 47.65 -28.22
O5 BGC E . -16.18 46.81 -31.51
O6 BGC E . -14.29 48.07 -30.05
C2 BGC E . -19.64 42.00 -31.16
C3 BGC E . -19.59 40.50 -30.94
C4 BGC E . -18.22 39.93 -31.27
C5 BGC E . -17.15 40.73 -30.55
C6 BGC E . -15.75 40.23 -30.83
C1 BGC E . -18.41 42.74 -30.66
O2 BGC E . -20.78 42.52 -30.51
O3 BGC E . -20.59 39.90 -31.75
O4 BGC E . -18.14 38.57 -30.84
O5 BGC E . -17.20 42.08 -31.01
O6 BGC E . -15.43 40.30 -32.21
C2 BGC E . -22.92 42.90 -31.44
C3 BGC E . -23.88 43.91 -32.05
C4 BGC E . -23.61 45.32 -31.55
C5 BGC E . -22.14 45.67 -31.68
C6 BGC E . -21.84 47.04 -31.13
C1 BGC E . -21.49 43.40 -31.38
O2 BGC E . -22.92 41.68 -32.16
O3 BGC E . -25.22 43.57 -31.71
O4 BGC E . -24.35 46.25 -32.33
O5 BGC E . -21.40 44.74 -30.91
O6 BGC E . -20.47 47.38 -31.34
C2 BGC E . -24.01 39.63 -32.75
C3 BGC E . -25.12 38.66 -32.42
C4 BGC E . -25.31 38.50 -30.93
C5 BGC E . -25.42 39.86 -30.26
C6 BGC E . -25.53 39.77 -28.76
C1 BGC E . -24.08 40.89 -31.92
O2 BGC E . -24.11 39.94 -34.14
O3 BGC E . -24.83 37.40 -33.02
O4 BGC E . -26.50 37.78 -30.67
O5 BGC E . -24.23 40.61 -30.54
O6 BGC E . -25.67 41.05 -28.17
C2 BGC E . -22.49 39.32 -35.79
C3 BGC E . -21.28 39.77 -36.58
C4 BGC E . -21.43 41.22 -36.99
C5 BGC E . -21.67 42.07 -35.76
C6 BGC E . -21.84 43.54 -36.07
C1 BGC E . -22.85 40.30 -34.69
O2 BGC E . -22.25 38.05 -35.22
O3 BGC E . -21.12 38.95 -37.73
O4 BGC E . -20.25 41.68 -37.63
O5 BGC E . -22.90 41.64 -35.16
O6 BGC E . -22.20 44.27 -34.91
C2 BGC E . -22.37 35.66 -35.50
C3 BGC E . -23.10 34.53 -36.18
C4 BGC E . -24.61 34.70 -36.03
C5 BGC E . -25.04 36.10 -36.44
C6 BGC E . -26.50 36.37 -36.12
C1 BGC E . -22.90 37.01 -35.95
O2 BGC E . -20.98 35.54 -35.79
O3 BGC E . -22.69 33.30 -35.61
O4 BGC E . -25.28 33.77 -36.87
O5 BGC E . -24.29 37.08 -35.70
O6 BGC E . -27.06 37.28 -37.04
C2 BGC E . -19.52 35.07 -33.90
C3 BGC E . -18.50 35.69 -32.95
C4 BGC E . -17.60 36.67 -33.69
C5 BGC E . -18.44 37.69 -34.42
C6 BGC E . -17.61 38.68 -35.20
C1 BGC E . -20.19 36.12 -34.77
O2 BGC E . -20.50 34.35 -33.17
O3 BGC E . -17.73 34.67 -32.35
O4 BGC E . -16.74 37.33 -32.77
O5 BGC E . -19.25 37.00 -35.37
O6 BGC E . -16.77 38.01 -36.12
C2 BGC E . -21.14 32.24 -32.21
C3 BGC E . -21.00 30.73 -32.28
C4 BGC E . -21.04 30.25 -33.71
C5 BGC E . -20.06 31.02 -34.58
C6 BGC E . -20.16 30.66 -36.04
C1 BGC E . -20.21 32.95 -33.17
O2 BGC E . -20.89 32.65 -30.87
O3 BGC E . -22.05 30.14 -31.54
O4 BGC E . -20.69 28.88 -33.76
O5 BGC E . -20.34 32.42 -34.48
O6 BGC E . -18.97 30.95 -36.74
C2 BGC E . -22.30 33.30 -29.05
C3 BGC E . -23.12 34.44 -28.45
C4 BGC E . -22.50 35.79 -28.72
C5 BGC E . -22.20 35.93 -30.20
C6 BGC E . -21.52 37.23 -30.53
C1 BGC E . -21.88 33.59 -30.48
O2 BGC E . -23.07 32.10 -29.02
O3 BGC E . -23.23 34.23 -27.04
O4 BGC E . -23.39 36.83 -28.34
O5 BGC E . -21.31 34.89 -30.58
O6 BGC E . -20.23 37.30 -29.94
C2 BGC E . -23.53 30.20 -27.65
C3 BGC E . -22.94 29.01 -26.92
C4 BGC E . -21.96 28.28 -27.82
C5 BGC E . -20.89 29.26 -28.29
C6 BGC E . -19.92 28.63 -29.25
C1 BGC E . -22.44 31.10 -28.21
O2 BGC E . -24.41 30.94 -26.82
O3 BGC E . -23.98 28.13 -26.53
O4 BGC E . -21.35 27.21 -27.12
O5 BGC E . -21.52 30.34 -29.00
O6 BGC E . -18.90 29.54 -29.65
C1 GOL F . 1.48 23.44 -11.54
O1 GOL F . 0.62 24.28 -10.78
C2 GOL F . 2.55 24.24 -12.26
O2 GOL F . 3.72 24.32 -11.47
C3 GOL F . 2.87 23.71 -13.64
O3 GOL F . 2.14 24.41 -14.64
C1 GOL G . -11.27 -0.03 -29.44
O1 GOL G . -11.96 1.22 -29.45
C2 GOL G . -11.76 -0.99 -30.51
O2 GOL G . -11.73 -0.34 -31.77
C3 GOL G . -10.90 -2.23 -30.68
O3 GOL G . -10.76 -2.99 -29.48
C1 GOL H . 8.31 5.66 -14.66
O1 GOL H . 7.14 4.89 -14.44
C2 GOL H . 8.94 5.92 -13.31
O2 GOL H . 10.32 5.56 -13.25
C3 GOL H . 8.84 7.36 -12.94
O3 GOL H . 9.26 7.55 -11.59
C1 GOL I . 6.16 -6.45 -27.47
O1 GOL I . 5.17 -7.20 -26.78
C2 GOL I . 7.40 -7.20 -27.92
O2 GOL I . 7.41 -8.56 -27.51
C3 GOL I . 7.70 -6.98 -29.40
O3 GOL I . 8.43 -8.02 -30.05
C1 GOL J . 8.29 13.79 4.09
O1 GOL J . 8.08 14.93 4.92
C2 GOL J . 7.30 13.72 2.95
O2 GOL J . 7.25 14.94 2.20
C3 GOL J . 7.60 12.57 2.03
O3 GOL J . 6.42 11.80 1.87
C1 GOL K . 1.32 3.71 -27.98
O1 GOL K . 1.68 4.95 -27.39
C2 GOL K . 2.52 2.80 -28.20
O2 GOL K . 2.30 1.52 -27.57
C3 GOL K . 2.87 2.55 -29.65
O3 GOL K . 3.50 1.27 -29.80
C1 GOL L . 2.24 -0.38 31.10
O1 GOL L . 1.49 -0.61 32.28
C2 GOL L . 2.83 -1.69 30.63
O2 GOL L . 1.90 -2.32 29.74
C3 GOL L . 4.22 -1.53 30.01
O3 GOL L . 4.11 -0.97 28.71
C1 GOL M . 4.21 -43.94 26.12
O1 GOL M . 3.75 -42.71 25.50
C2 GOL M . 5.02 -43.67 27.39
O2 GOL M . 4.31 -43.03 28.44
C3 GOL M . 5.65 -44.88 28.02
O3 GOL M . 6.97 -44.57 28.45
#